data_2JKJ
#
_entry.id   2JKJ
#
_cell.length_a   119.600
_cell.length_b   119.600
_cell.length_c   57.700
_cell.angle_alpha   90.00
_cell.angle_beta   90.00
_cell.angle_gamma   120.00
#
_symmetry.space_group_name_H-M   'P 3'
#
loop_
_entity.id
_entity.type
_entity.pdbx_description
1 polymer 'DR HEMAGGLUTININ STRUCTURAL SUBUNIT'
2 non-polymer 'SULFATE ION'
3 non-polymer CHLORAMPHENICOL
4 non-polymer THIAMPHENICOL
5 water water
#
_entity_poly.entity_id   1
_entity_poly.type   'polypeptide(L)'
_entity_poly.pdbx_seq_one_letter_code
;RGSHHHHHHGSFTPSGTTGTTKLTVTEKCQVRVGDLTVAKTRGQLTDAAPIGPVTVQALGCDARQVALKADTDNFEQGKF
FLISDNNRDKLYVNIRPTDNSAWTTDNGVFYKNDVGSWGGIIGIYVDGQQTNTPPGNYTLTLTGGYWAK
;
_entity_poly.pdbx_strand_id   A,B,C,D,E,F
#
loop_
_chem_comp.id
_chem_comp.type
_chem_comp.name
_chem_comp.formula
CLM non-polymer CHLORAMPHENICOL 'C11 H12 Cl2 N2 O5'
SO4 non-polymer 'SULFATE ION' 'O4 S -2'
TH8 non-polymer THIAMPHENICOL 'C12 H15 Cl2 N O5 S'
#
# COMPACT_ATOMS: atom_id res chain seq x y z
N GLY A 10 -15.44 18.84 -22.03
CA GLY A 10 -14.15 18.18 -22.02
C GLY A 10 -13.76 17.78 -20.61
N SER A 11 -14.72 17.85 -19.69
CA SER A 11 -14.47 17.50 -18.30
C SER A 11 -15.52 16.56 -17.70
N PHE A 12 -15.05 15.58 -16.94
CA PHE A 12 -15.93 14.60 -16.29
C PHE A 12 -16.14 14.92 -14.82
N THR A 13 -17.38 14.80 -14.38
CA THR A 13 -17.73 15.07 -12.98
C THR A 13 -18.21 13.77 -12.32
N PRO A 14 -17.49 13.34 -11.30
CA PRO A 14 -17.86 12.13 -10.58
C PRO A 14 -19.17 12.35 -9.83
N SER A 15 -20.19 11.58 -10.19
CA SER A 15 -21.50 11.71 -9.56
C SER A 15 -22.32 10.45 -9.80
N GLY A 16 -21.99 9.39 -9.08
CA GLY A 16 -22.67 8.12 -9.21
C GLY A 16 -21.89 7.00 -8.56
N THR A 17 -22.39 5.78 -8.66
CA THR A 17 -21.75 4.62 -8.08
C THR A 17 -20.74 4.00 -9.03
N THR A 18 -19.95 3.07 -8.51
CA THR A 18 -18.93 2.39 -9.29
C THR A 18 -19.32 0.96 -9.64
N GLY A 19 -19.11 0.59 -10.90
CA GLY A 19 -19.41 -0.77 -11.36
C GLY A 19 -18.10 -1.46 -11.71
N THR A 20 -17.96 -2.71 -11.26
CA THR A 20 -16.75 -3.47 -11.52
C THR A 20 -17.00 -4.70 -12.38
N THR A 21 -16.26 -4.82 -13.47
CA THR A 21 -16.38 -5.98 -14.35
C THR A 21 -15.19 -6.88 -14.08
N LYS A 22 -15.47 -8.05 -13.53
CA LYS A 22 -14.41 -9.00 -13.19
C LYS A 22 -14.39 -10.21 -14.10
N LEU A 23 -13.18 -10.64 -14.47
CA LEU A 23 -13.01 -11.81 -15.32
C LEU A 23 -11.72 -12.56 -14.99
N THR A 24 -11.83 -13.87 -14.87
CA THR A 24 -10.69 -14.72 -14.59
C THR A 24 -10.32 -15.50 -15.86
N VAL A 25 -9.10 -15.30 -16.35
CA VAL A 25 -8.65 -16.00 -17.55
C VAL A 25 -7.84 -17.21 -17.16
N THR A 26 -8.11 -18.35 -17.79
CA THR A 26 -7.42 -19.58 -17.47
C THR A 26 -6.98 -20.32 -18.72
N GLU A 27 -6.38 -21.49 -18.53
CA GLU A 27 -5.97 -22.34 -19.64
C GLU A 27 -7.08 -23.34 -19.89
N LYS A 28 -6.84 -24.32 -20.77
CA LYS A 28 -7.84 -25.34 -21.05
C LYS A 28 -8.30 -26.00 -19.76
N CYS A 29 -7.34 -26.41 -18.95
CA CYS A 29 -7.63 -27.03 -17.64
C CYS A 29 -8.08 -25.92 -16.69
N GLN A 30 -9.38 -25.84 -16.48
CA GLN A 30 -9.99 -24.81 -15.65
C GLN A 30 -10.44 -25.33 -14.28
N VAL A 31 -9.87 -24.79 -13.22
CA VAL A 31 -10.21 -25.21 -11.85
C VAL A 31 -10.95 -24.10 -11.11
N ARG A 32 -12.27 -24.22 -11.04
CA ARG A 32 -13.10 -23.22 -10.39
C ARG A 32 -13.23 -23.48 -8.88
N VAL A 33 -12.70 -22.55 -8.10
CA VAL A 33 -12.74 -22.68 -6.64
C VAL A 33 -13.73 -21.70 -6.02
N GLY A 34 -14.53 -22.20 -5.09
CA GLY A 34 -15.52 -21.38 -4.40
C GLY A 34 -16.74 -21.07 -5.27
N ASP A 35 -17.43 -19.98 -4.94
CA ASP A 35 -18.64 -19.58 -5.63
C ASP A 35 -18.40 -19.24 -7.10
N LEU A 36 -19.44 -19.45 -7.91
CA LEU A 36 -19.36 -19.19 -9.34
C LEU A 36 -19.04 -17.74 -9.68
N THR A 37 -18.13 -17.56 -10.63
CA THR A 37 -17.72 -16.24 -11.07
C THR A 37 -17.43 -16.31 -12.57
N VAL A 38 -17.35 -15.15 -13.20
CA VAL A 38 -17.06 -15.09 -14.63
C VAL A 38 -15.64 -15.55 -14.93
N ALA A 39 -15.52 -16.70 -15.59
CA ALA A 39 -14.23 -17.25 -15.94
C ALA A 39 -14.23 -17.75 -17.37
N LYS A 40 -13.11 -17.57 -18.07
CA LYS A 40 -13.00 -18.02 -19.45
C LYS A 40 -11.57 -18.47 -19.74
N THR A 41 -11.44 -19.31 -20.77
CA THR A 41 -10.13 -19.79 -21.20
C THR A 41 -9.62 -18.79 -22.23
N ARG A 42 -8.31 -18.62 -22.31
CA ARG A 42 -7.75 -17.66 -23.26
C ARG A 42 -8.31 -17.90 -24.66
N GLY A 43 -8.53 -19.17 -25.00
CA GLY A 43 -9.06 -19.55 -26.30
C GLY A 43 -10.43 -18.93 -26.56
N GLN A 44 -11.11 -18.53 -25.49
CA GLN A 44 -12.42 -17.92 -25.61
C GLN A 44 -12.32 -16.41 -25.84
N LEU A 45 -11.12 -15.88 -25.66
CA LEU A 45 -10.88 -14.45 -25.85
C LEU A 45 -10.79 -14.08 -27.33
N THR A 46 -11.84 -14.42 -28.08
CA THR A 46 -11.91 -14.13 -29.50
C THR A 46 -12.47 -12.72 -29.71
N ASP A 47 -12.21 -12.16 -30.88
CA ASP A 47 -12.68 -10.82 -31.21
C ASP A 47 -14.19 -10.67 -31.06
N ALA A 48 -14.61 -9.63 -30.35
CA ALA A 48 -16.02 -9.32 -30.13
C ALA A 48 -16.69 -10.21 -29.09
N ALA A 49 -15.92 -11.11 -28.49
CA ALA A 49 -16.46 -11.99 -27.46
C ALA A 49 -16.97 -11.17 -26.28
N PRO A 50 -18.20 -11.44 -25.86
CA PRO A 50 -18.81 -10.72 -24.75
C PRO A 50 -18.15 -11.06 -23.42
N ILE A 51 -17.90 -10.04 -22.61
CA ILE A 51 -17.28 -10.22 -21.31
C ILE A 51 -18.33 -10.11 -20.20
N GLY A 52 -19.22 -9.13 -20.33
CA GLY A 52 -20.26 -8.92 -19.34
C GLY A 52 -20.97 -7.58 -19.55
N PRO A 53 -22.20 -7.48 -19.04
CA PRO A 53 -22.98 -6.26 -19.18
C PRO A 53 -22.79 -5.36 -17.97
N VAL A 54 -23.03 -4.07 -18.18
CA VAL A 54 -22.91 -3.08 -17.13
C VAL A 54 -24.16 -2.22 -17.11
N THR A 55 -25.03 -2.45 -16.12
CA THR A 55 -26.26 -1.68 -16.02
C THR A 55 -25.99 -0.23 -15.64
N VAL A 56 -26.75 0.67 -16.25
CA VAL A 56 -26.62 2.09 -15.98
C VAL A 56 -28.00 2.71 -15.79
N GLN A 57 -28.17 3.42 -14.69
CA GLN A 57 -29.43 4.08 -14.39
C GLN A 57 -29.16 5.49 -13.85
N ALA A 58 -29.46 6.49 -14.68
CA ALA A 58 -29.25 7.88 -14.31
C ALA A 58 -30.54 8.52 -13.82
N LEU A 59 -30.40 9.50 -12.94
CA LEU A 59 -31.55 10.23 -12.40
C LEU A 59 -31.18 11.69 -12.21
N GLY A 60 -32.08 12.60 -12.60
CA GLY A 60 -31.85 14.03 -12.46
C GLY A 60 -30.77 14.53 -13.41
N CYS A 61 -30.63 13.88 -14.56
CA CYS A 61 -29.64 14.28 -15.55
C CYS A 61 -30.30 14.74 -16.85
N ASP A 62 -31.45 15.39 -16.73
CA ASP A 62 -32.18 15.88 -17.90
C ASP A 62 -31.39 16.95 -18.66
N ALA A 63 -30.49 17.63 -17.96
CA ALA A 63 -29.69 18.68 -18.57
C ALA A 63 -28.20 18.36 -18.54
N ARG A 64 -27.87 17.08 -18.39
CA ARG A 64 -26.48 16.65 -18.35
C ARG A 64 -26.23 15.44 -19.22
N GLN A 65 -25.00 15.29 -19.69
CA GLN A 65 -24.61 14.15 -20.51
C GLN A 65 -24.08 13.02 -19.63
N VAL A 66 -24.86 11.94 -19.52
CA VAL A 66 -24.47 10.79 -18.72
C VAL A 66 -23.09 10.31 -19.15
N ALA A 67 -22.27 9.91 -18.19
CA ALA A 67 -20.92 9.45 -18.51
C ALA A 67 -20.38 8.40 -17.56
N LEU A 68 -19.43 7.60 -18.05
CA LEU A 68 -18.77 6.58 -17.25
C LEU A 68 -17.26 6.78 -17.40
N LYS A 69 -16.56 6.85 -16.28
CA LYS A 69 -15.11 7.02 -16.31
C LYS A 69 -14.40 5.76 -15.82
N ALA A 70 -13.40 5.32 -16.59
CA ALA A 70 -12.64 4.14 -16.22
C ALA A 70 -11.50 4.52 -15.29
N ASP A 71 -11.09 3.58 -14.43
CA ASP A 71 -9.99 3.82 -13.52
C ASP A 71 -8.74 4.10 -14.35
N THR A 72 -7.84 4.91 -13.81
CA THR A 72 -6.60 5.27 -14.49
C THR A 72 -5.88 4.06 -15.09
N ASP A 73 -5.94 2.93 -14.39
CA ASP A 73 -5.27 1.71 -14.82
C ASP A 73 -6.04 0.95 -15.88
N ASN A 74 -7.19 1.48 -16.31
CA ASN A 74 -8.03 0.79 -17.29
C ASN A 74 -8.07 1.44 -18.68
N PHE A 75 -7.30 2.51 -18.88
CA PHE A 75 -7.29 3.19 -20.16
C PHE A 75 -5.95 3.82 -20.50
N GLU A 76 -5.78 4.14 -21.78
CA GLU A 76 -4.54 4.73 -22.27
C GLU A 76 -4.69 4.84 -23.77
N GLN A 77 -4.27 5.96 -24.34
CA GLN A 77 -4.31 6.12 -25.79
C GLN A 77 -5.74 5.84 -26.30
N GLY A 78 -6.71 6.51 -25.71
CA GLY A 78 -8.12 6.34 -26.11
C GLY A 78 -8.55 4.88 -26.19
N LYS A 79 -7.82 4.00 -25.51
CA LYS A 79 -8.13 2.57 -25.52
C LYS A 79 -8.49 2.06 -24.12
N PHE A 80 -9.58 1.29 -24.03
CA PHE A 80 -10.02 0.72 -22.77
C PHE A 80 -9.53 -0.72 -22.68
N PHE A 81 -9.38 -1.22 -21.45
CA PHE A 81 -8.91 -2.59 -21.26
C PHE A 81 -8.97 -3.04 -19.81
N LEU A 82 -9.21 -4.34 -19.61
CA LEU A 82 -9.24 -4.90 -18.27
C LEU A 82 -7.78 -5.05 -17.84
N ILE A 83 -7.52 -4.99 -16.54
CA ILE A 83 -6.16 -5.10 -16.04
C ILE A 83 -6.00 -6.19 -14.99
N SER A 84 -4.93 -6.98 -15.12
CA SER A 84 -4.65 -8.05 -14.18
C SER A 84 -4.41 -7.47 -12.79
N ASP A 85 -4.56 -8.31 -11.77
CA ASP A 85 -4.36 -7.88 -10.40
C ASP A 85 -3.00 -7.23 -10.18
N ASN A 86 -2.01 -7.64 -10.97
CA ASN A 86 -0.66 -7.11 -10.84
C ASN A 86 -0.42 -5.84 -11.65
N ASN A 87 -1.47 -5.36 -12.33
CA ASN A 87 -1.39 -4.14 -13.12
C ASN A 87 -0.45 -4.27 -14.31
N ARG A 88 -0.11 -5.50 -14.67
CA ARG A 88 0.82 -5.74 -15.76
C ARG A 88 0.17 -6.14 -17.09
N ASP A 89 -0.77 -7.07 -17.04
CA ASP A 89 -1.42 -7.57 -18.25
C ASP A 89 -2.73 -6.89 -18.61
N LYS A 90 -2.86 -6.56 -19.89
CA LYS A 90 -4.06 -5.88 -20.41
C LYS A 90 -4.92 -6.78 -21.28
N LEU A 91 -6.23 -6.55 -21.23
CA LEU A 91 -7.19 -7.27 -22.05
C LEU A 91 -8.05 -6.23 -22.73
N TYR A 92 -7.62 -5.77 -23.89
CA TYR A 92 -8.33 -4.73 -24.64
C TYR A 92 -9.79 -5.08 -24.92
N VAL A 93 -10.68 -4.14 -24.61
CA VAL A 93 -12.11 -4.36 -24.83
C VAL A 93 -12.78 -3.16 -25.47
N ASN A 94 -14.00 -3.39 -25.94
CA ASN A 94 -14.80 -2.33 -26.54
C ASN A 94 -16.03 -2.11 -25.67
N ILE A 95 -16.35 -0.84 -25.44
CA ILE A 95 -17.52 -0.47 -24.64
C ILE A 95 -18.60 0.03 -25.58
N ARG A 96 -19.77 -0.61 -25.53
CA ARG A 96 -20.86 -0.23 -26.42
C ARG A 96 -22.24 -0.51 -25.82
N PRO A 97 -23.09 0.51 -25.79
CA PRO A 97 -24.44 0.36 -25.27
C PRO A 97 -25.18 -0.64 -26.15
N THR A 98 -26.18 -1.31 -25.58
CA THR A 98 -26.96 -2.29 -26.32
C THR A 98 -28.01 -1.68 -27.24
N ASP A 99 -28.38 -0.43 -26.97
CA ASP A 99 -29.37 0.26 -27.79
C ASP A 99 -28.72 0.95 -29.00
N ASN A 100 -29.36 1.97 -29.55
CA ASN A 100 -28.79 2.67 -30.69
C ASN A 100 -28.25 4.05 -30.30
N SER A 101 -27.98 4.23 -29.01
CA SER A 101 -27.51 5.52 -28.51
C SER A 101 -26.08 5.84 -28.91
N ALA A 102 -25.81 7.13 -29.13
CA ALA A 102 -24.49 7.58 -29.54
C ALA A 102 -23.64 8.00 -28.35
N TRP A 103 -22.43 7.46 -28.27
CA TRP A 103 -21.51 7.79 -27.18
C TRP A 103 -20.15 8.16 -27.74
N THR A 104 -19.37 8.89 -26.94
CA THR A 104 -18.05 9.33 -27.36
C THR A 104 -17.00 8.94 -26.32
N THR A 105 -15.78 8.67 -26.79
CA THR A 105 -14.69 8.29 -25.92
C THR A 105 -13.71 9.47 -25.83
N ASP A 106 -13.36 9.84 -24.60
CA ASP A 106 -12.42 10.93 -24.39
C ASP A 106 -11.53 10.69 -23.18
N ASN A 107 -10.28 10.32 -23.44
CA ASN A 107 -9.30 10.09 -22.38
C ASN A 107 -9.82 9.31 -21.18
N GLY A 108 -10.28 8.08 -21.43
CA GLY A 108 -10.79 7.23 -20.36
C GLY A 108 -12.24 7.51 -19.99
N VAL A 109 -12.89 8.43 -20.71
CA VAL A 109 -14.27 8.76 -20.43
C VAL A 109 -15.20 8.35 -21.56
N PHE A 110 -16.29 7.69 -21.20
CA PHE A 110 -17.29 7.24 -22.17
C PHE A 110 -18.59 7.96 -21.87
N TYR A 111 -18.85 9.05 -22.59
CA TYR A 111 -20.05 9.85 -22.36
C TYR A 111 -21.05 9.80 -23.50
N LYS A 112 -22.31 10.10 -23.17
CA LYS A 112 -23.40 10.11 -24.14
C LYS A 112 -23.41 11.43 -24.89
N ASN A 113 -23.64 11.36 -26.20
CA ASN A 113 -23.64 12.56 -27.04
C ASN A 113 -24.79 13.51 -26.76
N ASP A 114 -25.84 13.01 -26.11
CA ASP A 114 -27.01 13.82 -25.80
C ASP A 114 -27.29 13.86 -24.31
N VAL A 115 -28.01 14.88 -23.87
CA VAL A 115 -28.39 15.01 -22.47
C VAL A 115 -29.59 14.11 -22.19
N GLY A 116 -29.93 13.94 -20.92
CA GLY A 116 -31.07 13.11 -20.54
C GLY A 116 -30.67 12.05 -19.51
N SER A 117 -31.63 11.68 -18.67
CA SER A 117 -31.41 10.67 -17.65
C SER A 117 -31.50 9.29 -18.29
N TRP A 118 -30.42 8.88 -18.93
CA TRP A 118 -30.36 7.60 -19.65
C TRP A 118 -30.32 6.38 -18.74
N GLY A 119 -31.01 5.34 -19.19
CA GLY A 119 -31.03 4.06 -18.49
C GLY A 119 -30.75 3.02 -19.57
N GLY A 120 -29.81 2.12 -19.31
CA GLY A 120 -29.50 1.11 -20.31
C GLY A 120 -28.40 0.14 -19.88
N ILE A 121 -27.95 -0.65 -20.86
CA ILE A 121 -26.91 -1.64 -20.62
C ILE A 121 -25.68 -1.34 -21.46
N ILE A 122 -24.52 -1.32 -20.82
CA ILE A 122 -23.27 -1.10 -21.52
C ILE A 122 -22.55 -2.45 -21.60
N GLY A 123 -22.33 -2.93 -22.81
CA GLY A 123 -21.70 -4.23 -22.99
C GLY A 123 -20.17 -4.12 -23.10
N ILE A 124 -19.48 -5.10 -22.54
CA ILE A 124 -18.02 -5.14 -22.60
C ILE A 124 -17.63 -6.31 -23.49
N TYR A 125 -16.92 -6.02 -24.58
CA TYR A 125 -16.51 -7.04 -25.53
C TYR A 125 -15.00 -7.04 -25.77
N VAL A 126 -14.48 -8.19 -26.18
CA VAL A 126 -13.06 -8.34 -26.48
C VAL A 126 -12.71 -7.59 -27.77
N ASP A 127 -11.73 -6.70 -27.68
CA ASP A 127 -11.30 -5.93 -28.84
C ASP A 127 -10.09 -6.59 -29.50
N GLY A 128 -10.36 -7.41 -30.51
CA GLY A 128 -9.31 -8.12 -31.22
C GLY A 128 -9.00 -9.43 -30.51
N GLN A 129 -8.77 -10.49 -31.27
CA GLN A 129 -8.47 -11.80 -30.69
C GLN A 129 -7.26 -11.69 -29.77
N GLN A 130 -7.41 -12.15 -28.54
CA GLN A 130 -6.34 -12.10 -27.55
C GLN A 130 -6.27 -13.42 -26.80
N THR A 131 -6.24 -14.52 -27.55
CA THR A 131 -6.18 -15.85 -26.99
C THR A 131 -4.85 -16.16 -26.30
N ASN A 132 -3.93 -15.21 -26.33
CA ASN A 132 -2.63 -15.38 -25.69
C ASN A 132 -2.62 -14.74 -24.30
N THR A 133 -3.73 -14.13 -23.93
CA THR A 133 -3.84 -13.48 -22.63
C THR A 133 -3.41 -14.40 -21.50
N PRO A 134 -2.43 -13.94 -20.72
CA PRO A 134 -1.92 -14.72 -19.59
C PRO A 134 -3.05 -14.95 -18.59
N PRO A 135 -3.11 -16.16 -18.05
CA PRO A 135 -4.13 -16.49 -17.06
C PRO A 135 -3.99 -15.53 -15.88
N GLY A 136 -5.11 -15.21 -15.24
CA GLY A 136 -5.10 -14.30 -14.10
C GLY A 136 -6.46 -13.68 -13.90
N ASN A 137 -6.53 -12.73 -12.98
CA ASN A 137 -7.78 -12.03 -12.66
C ASN A 137 -7.75 -10.62 -13.24
N TYR A 138 -8.69 -10.36 -14.15
CA TYR A 138 -8.76 -9.05 -14.80
C TYR A 138 -9.95 -8.23 -14.31
N THR A 139 -9.73 -6.93 -14.19
CA THR A 139 -10.77 -6.04 -13.69
C THR A 139 -10.90 -4.75 -14.51
N LEU A 140 -12.12 -4.24 -14.60
CA LEU A 140 -12.40 -2.98 -15.28
C LEU A 140 -13.38 -2.20 -14.41
N THR A 141 -12.92 -1.08 -13.87
CA THR A 141 -13.76 -0.27 -13.00
C THR A 141 -14.28 0.98 -13.70
N LEU A 142 -15.60 1.19 -13.62
CA LEU A 142 -16.24 2.35 -14.22
C LEU A 142 -17.06 3.12 -13.20
N THR A 143 -16.83 4.44 -13.13
CA THR A 143 -17.55 5.30 -12.20
C THR A 143 -18.57 6.17 -12.94
N GLY A 144 -19.75 6.31 -12.34
CA GLY A 144 -20.82 7.10 -12.94
C GLY A 144 -20.63 8.60 -12.68
N GLY A 145 -21.10 9.40 -13.62
CA GLY A 145 -21.01 10.86 -13.52
C GLY A 145 -21.55 11.50 -14.79
N TYR A 146 -21.12 12.72 -15.07
CA TYR A 146 -21.57 13.41 -16.27
C TYR A 146 -20.46 14.18 -16.98
N TRP A 147 -20.71 14.49 -18.26
CA TRP A 147 -19.75 15.21 -19.08
C TRP A 147 -20.21 16.61 -19.43
N ALA A 148 -19.24 17.52 -19.60
CA ALA A 148 -19.54 18.91 -19.95
C ALA A 148 -18.94 19.27 -21.31
N GLY B 10 3.25 -10.28 -34.34
CA GLY B 10 3.18 -9.17 -35.30
C GLY B 10 4.01 -9.49 -36.54
N SER B 11 3.86 -10.71 -37.05
CA SER B 11 4.58 -11.15 -38.23
C SER B 11 3.77 -12.10 -39.11
N PHE B 12 4.04 -12.07 -40.41
CA PHE B 12 3.33 -12.91 -41.38
C PHE B 12 4.10 -14.19 -41.71
N THR B 13 3.37 -15.30 -41.80
CA THR B 13 3.95 -16.58 -42.14
C THR B 13 3.34 -17.08 -43.44
N PRO B 14 4.17 -17.25 -44.47
CA PRO B 14 3.71 -17.72 -45.77
C PRO B 14 3.25 -19.17 -45.65
N SER B 15 1.97 -19.40 -45.93
CA SER B 15 1.40 -20.75 -45.84
C SER B 15 0.11 -20.81 -46.65
N GLY B 16 0.25 -20.87 -47.96
CA GLY B 16 -0.91 -20.93 -48.85
C GLY B 16 -0.53 -20.65 -50.29
N THR B 17 -1.54 -20.59 -51.15
CA THR B 17 -1.32 -20.31 -52.57
C THR B 17 -1.36 -18.82 -52.87
N THR B 18 -0.98 -18.46 -54.10
CA THR B 18 -0.95 -17.08 -54.52
C THR B 18 -2.07 -16.73 -55.49
N GLY B 19 -2.72 -15.59 -55.26
CA GLY B 19 -3.80 -15.13 -56.12
C GLY B 19 -3.36 -13.86 -56.84
N THR B 20 -3.55 -13.82 -58.15
CA THR B 20 -3.15 -12.66 -58.94
C THR B 20 -4.34 -11.93 -59.56
N THR B 21 -4.45 -10.63 -59.25
CA THR B 21 -5.51 -9.80 -59.80
C THR B 21 -4.91 -9.00 -60.95
N LYS B 22 -5.37 -9.28 -62.17
CA LYS B 22 -4.85 -8.61 -63.35
C LYS B 22 -5.85 -7.64 -63.97
N LEU B 23 -5.35 -6.51 -64.45
CA LEU B 23 -6.20 -5.51 -65.08
C LEU B 23 -5.45 -4.74 -66.15
N THR B 24 -6.08 -4.59 -67.32
CA THR B 24 -5.49 -3.84 -68.42
C THR B 24 -6.25 -2.52 -68.55
N VAL B 25 -5.53 -1.41 -68.41
CA VAL B 25 -6.15 -0.09 -68.53
C VAL B 25 -5.90 0.45 -69.93
N THR B 26 -6.94 1.00 -70.54
CA THR B 26 -6.84 1.51 -71.90
C THR B 26 -7.52 2.86 -72.03
N GLU B 27 -7.58 3.36 -73.26
CA GLU B 27 -8.25 4.63 -73.55
C GLU B 27 -9.68 4.32 -74.00
N LYS B 28 -10.34 5.31 -74.58
CA LYS B 28 -11.70 5.14 -75.09
C LYS B 28 -11.67 4.06 -76.17
N CYS B 29 -10.72 4.19 -77.10
CA CYS B 29 -10.55 3.22 -78.17
C CYS B 29 -9.86 2.00 -77.58
N GLN B 30 -10.66 0.96 -77.33
CA GLN B 30 -10.18 -0.27 -76.70
C GLN B 30 -10.06 -1.42 -77.69
N VAL B 31 -8.85 -1.94 -77.85
CA VAL B 31 -8.62 -3.05 -78.78
C VAL B 31 -8.25 -4.33 -78.02
N ARG B 32 -9.23 -5.21 -77.85
CA ARG B 32 -9.04 -6.45 -77.13
C ARG B 32 -8.50 -7.56 -78.01
N VAL B 33 -7.28 -8.01 -77.72
CA VAL B 33 -6.63 -9.05 -78.50
C VAL B 33 -6.58 -10.38 -77.76
N GLY B 34 -6.94 -11.45 -78.46
CA GLY B 34 -6.93 -12.79 -77.88
C GLY B 34 -8.11 -13.03 -76.95
N ASP B 35 -7.93 -13.99 -76.03
CA ASP B 35 -8.98 -14.37 -75.09
C ASP B 35 -9.39 -13.25 -74.16
N LEU B 36 -10.64 -13.28 -73.74
CA LEU B 36 -11.20 -12.27 -72.84
C LEU B 36 -10.46 -12.15 -71.51
N THR B 37 -10.21 -10.92 -71.11
CA THR B 37 -9.52 -10.62 -69.85
C THR B 37 -10.10 -9.34 -69.26
N VAL B 38 -9.84 -9.10 -67.98
CA VAL B 38 -10.33 -7.91 -67.32
C VAL B 38 -9.66 -6.65 -67.87
N ALA B 39 -10.44 -5.83 -68.57
CA ALA B 39 -9.91 -4.61 -69.15
C ALA B 39 -10.88 -3.47 -68.89
N LYS B 40 -10.34 -2.27 -68.69
CA LYS B 40 -11.17 -1.10 -68.43
C LYS B 40 -10.50 0.15 -69.00
N THR B 41 -11.32 1.17 -69.25
CA THR B 41 -10.82 2.44 -69.75
C THR B 41 -10.50 3.28 -68.51
N ARG B 42 -9.53 4.17 -68.61
CA ARG B 42 -9.16 5.00 -67.46
C ARG B 42 -10.38 5.71 -66.88
N GLY B 43 -11.30 6.09 -67.75
CA GLY B 43 -12.52 6.78 -67.34
C GLY B 43 -13.37 5.94 -66.39
N GLN B 44 -13.13 4.63 -66.40
CA GLN B 44 -13.86 3.71 -65.54
C GLN B 44 -13.22 3.60 -64.16
N LEU B 45 -11.99 4.11 -64.05
CA LEU B 45 -11.26 4.06 -62.79
C LEU B 45 -11.77 5.10 -61.80
N THR B 46 -13.07 5.04 -61.51
CA THR B 46 -13.69 5.95 -60.57
C THR B 46 -13.55 5.41 -59.15
N ASP B 47 -13.71 6.29 -58.17
CA ASP B 47 -13.60 5.89 -56.77
C ASP B 47 -14.56 4.76 -56.38
N ALA B 48 -14.02 3.73 -55.75
CA ALA B 48 -14.80 2.58 -55.29
C ALA B 48 -15.14 1.59 -56.41
N ALA B 49 -14.71 1.88 -57.63
CA ALA B 49 -14.98 1.01 -58.76
C ALA B 49 -14.38 -0.37 -58.49
N PRO B 50 -15.19 -1.41 -58.69
CA PRO B 50 -14.74 -2.78 -58.46
C PRO B 50 -13.73 -3.23 -59.52
N ILE B 51 -12.67 -3.91 -59.08
CA ILE B 51 -11.66 -4.40 -59.99
C ILE B 51 -11.80 -5.90 -60.17
N GLY B 52 -12.05 -6.61 -59.09
CA GLY B 52 -12.21 -8.05 -59.13
C GLY B 52 -12.23 -8.68 -57.75
N PRO B 53 -12.80 -9.87 -57.65
CA PRO B 53 -12.87 -10.58 -56.38
C PRO B 53 -11.71 -11.55 -56.22
N VAL B 54 -11.38 -11.84 -54.97
CA VAL B 54 -10.30 -12.77 -54.65
C VAL B 54 -10.80 -13.79 -53.65
N THR B 55 -11.02 -15.03 -54.11
CA THR B 55 -11.52 -16.08 -53.24
C THR B 55 -10.45 -16.52 -52.23
N VAL B 56 -10.90 -16.78 -51.01
CA VAL B 56 -10.01 -17.21 -49.95
C VAL B 56 -10.63 -18.39 -49.20
N GLN B 57 -9.88 -19.48 -49.09
CA GLN B 57 -10.34 -20.67 -48.40
C GLN B 57 -9.25 -21.22 -47.50
N ALA B 58 -9.41 -21.02 -46.19
CA ALA B 58 -8.44 -21.47 -45.22
C ALA B 58 -8.83 -22.83 -44.63
N LEU B 59 -7.82 -23.60 -44.23
CA LEU B 59 -8.03 -24.91 -43.62
C LEU B 59 -6.99 -25.14 -42.54
N GLY B 60 -7.43 -25.66 -41.40
CA GLY B 60 -6.53 -25.95 -40.28
C GLY B 60 -5.99 -24.68 -39.62
N CYS B 61 -6.78 -23.60 -39.67
CA CYS B 61 -6.38 -22.33 -39.07
C CYS B 61 -7.30 -21.94 -37.92
N ASP B 62 -7.79 -22.93 -37.18
CA ASP B 62 -8.68 -22.69 -36.06
C ASP B 62 -8.02 -21.86 -34.96
N ALA B 63 -6.70 -21.95 -34.86
CA ALA B 63 -5.97 -21.22 -33.83
C ALA B 63 -5.03 -20.17 -34.40
N ARG B 64 -5.34 -19.67 -35.58
CA ARG B 64 -4.50 -18.66 -36.22
C ARG B 64 -5.34 -17.62 -36.93
N GLN B 65 -4.70 -16.50 -37.25
CA GLN B 65 -5.36 -15.42 -37.95
C GLN B 65 -5.02 -15.47 -39.44
N VAL B 66 -6.01 -15.81 -40.25
CA VAL B 66 -5.85 -15.88 -41.69
C VAL B 66 -5.29 -14.55 -42.19
N ALA B 67 -4.39 -14.60 -43.16
CA ALA B 67 -3.78 -13.38 -43.68
C ALA B 67 -3.38 -13.48 -45.15
N LEU B 68 -3.31 -12.32 -45.80
CA LEU B 68 -2.90 -12.22 -47.19
C LEU B 68 -1.79 -11.18 -47.28
N LYS B 69 -0.66 -11.55 -47.89
CA LYS B 69 0.44 -10.62 -48.03
C LYS B 69 0.62 -10.21 -49.49
N ALA B 70 0.77 -8.91 -49.72
CA ALA B 70 0.96 -8.40 -51.07
C ALA B 70 2.44 -8.42 -51.44
N ASP B 71 2.73 -8.55 -52.73
CA ASP B 71 4.11 -8.53 -53.18
C ASP B 71 4.73 -7.18 -52.82
N THR B 72 6.03 -7.16 -52.57
CA THR B 72 6.74 -5.94 -52.21
C THR B 72 6.41 -4.77 -53.12
N ASP B 73 6.21 -5.04 -54.40
CA ASP B 73 5.90 -4.01 -55.37
C ASP B 73 4.43 -3.58 -55.38
N ASN B 74 3.63 -4.15 -54.47
CA ASN B 74 2.22 -3.84 -54.41
C ASN B 74 1.77 -3.02 -53.19
N PHE B 75 2.73 -2.62 -52.36
CA PHE B 75 2.38 -1.83 -51.18
C PHE B 75 3.47 -0.85 -50.78
N GLU B 76 3.07 0.16 -50.01
CA GLU B 76 3.98 1.20 -49.57
C GLU B 76 3.19 2.16 -48.72
N GLN B 77 3.70 2.50 -47.54
CA GLN B 77 3.01 3.45 -46.68
C GLN B 77 1.57 2.97 -46.40
N GLY B 78 1.44 1.83 -45.74
CA GLY B 78 0.13 1.26 -45.39
C GLY B 78 -0.88 1.32 -46.53
N LYS B 79 -0.40 1.49 -47.76
CA LYS B 79 -1.28 1.57 -48.92
C LYS B 79 -1.05 0.43 -49.92
N PHE B 80 -2.13 -0.09 -50.47
CA PHE B 80 -2.07 -1.16 -51.46
C PHE B 80 -2.32 -0.57 -52.85
N PHE B 81 -1.82 -1.23 -53.88
CA PHE B 81 -2.02 -0.75 -55.24
C PHE B 81 -1.56 -1.75 -56.29
N LEU B 82 -2.20 -1.72 -57.45
CA LEU B 82 -1.79 -2.57 -58.56
C LEU B 82 -0.58 -1.90 -59.19
N ILE B 83 0.28 -2.68 -59.83
CA ILE B 83 1.48 -2.11 -60.45
C ILE B 83 1.63 -2.51 -61.92
N SER B 84 1.98 -1.52 -62.75
CA SER B 84 2.17 -1.77 -64.18
C SER B 84 3.33 -2.74 -64.38
N ASP B 85 3.34 -3.39 -65.53
CA ASP B 85 4.39 -4.35 -65.86
C ASP B 85 5.79 -3.76 -65.71
N ASN B 86 5.91 -2.45 -65.90
CA ASN B 86 7.20 -1.79 -65.79
C ASN B 86 7.55 -1.35 -64.38
N ASN B 87 6.65 -1.65 -63.43
CA ASN B 87 6.88 -1.31 -62.02
C ASN B 87 6.90 0.19 -61.77
N ARG B 88 6.39 0.96 -62.73
CA ARG B 88 6.39 2.41 -62.62
C ARG B 88 5.07 3.02 -62.18
N ASP B 89 3.98 2.60 -62.81
CA ASP B 89 2.66 3.16 -62.53
C ASP B 89 1.84 2.41 -61.50
N LYS B 90 1.25 3.16 -60.58
CA LYS B 90 0.44 2.58 -59.51
C LYS B 90 -1.05 2.85 -59.69
N LEU B 91 -1.86 1.91 -59.22
CA LEU B 91 -3.31 2.04 -59.24
C LEU B 91 -3.78 1.70 -57.84
N TYR B 92 -3.87 2.72 -56.99
CA TYR B 92 -4.28 2.54 -55.61
C TYR B 92 -5.64 1.88 -55.48
N VAL B 93 -5.72 0.87 -54.61
CA VAL B 93 -6.96 0.14 -54.41
C VAL B 93 -7.24 -0.11 -52.93
N ASN B 94 -8.47 -0.53 -52.64
CA ASN B 94 -8.87 -0.86 -51.28
C ASN B 94 -9.20 -2.34 -51.24
N ILE B 95 -8.74 -3.02 -50.19
CA ILE B 95 -9.02 -4.44 -50.01
C ILE B 95 -10.05 -4.61 -48.91
N ARG B 96 -11.18 -5.21 -49.24
CA ARG B 96 -12.26 -5.38 -48.27
C ARG B 96 -13.06 -6.66 -48.50
N PRO B 97 -13.19 -7.47 -47.46
CA PRO B 97 -13.97 -8.69 -47.55
C PRO B 97 -15.42 -8.33 -47.85
N THR B 98 -16.17 -9.25 -48.45
CA THR B 98 -17.56 -8.98 -48.78
C THR B 98 -18.50 -9.15 -47.60
N ASP B 99 -18.06 -9.87 -46.57
CA ASP B 99 -18.89 -10.11 -45.39
C ASP B 99 -18.74 -9.06 -44.30
N SER B 101 -16.59 -9.14 -41.85
CA SER B 101 -15.49 -9.55 -40.99
C SER B 101 -14.48 -8.42 -40.82
N ALA B 102 -13.84 -8.37 -39.65
CA ALA B 102 -12.86 -7.33 -39.35
C ALA B 102 -11.44 -7.73 -39.71
N TRP B 103 -10.78 -6.89 -40.50
CA TRP B 103 -9.41 -7.15 -40.92
C TRP B 103 -8.52 -5.94 -40.63
N THR B 104 -7.22 -6.18 -40.56
CA THR B 104 -6.26 -5.13 -40.27
C THR B 104 -5.16 -5.08 -41.32
N THR B 105 -4.64 -3.88 -41.57
CA THR B 105 -3.55 -3.69 -42.53
C THR B 105 -2.26 -3.40 -41.79
N ASP B 106 -1.21 -4.13 -42.12
CA ASP B 106 0.08 -3.93 -41.47
C ASP B 106 1.24 -4.18 -42.43
N ASN B 107 1.84 -3.09 -42.91
CA ASN B 107 2.98 -3.15 -43.80
C ASN B 107 2.87 -4.18 -44.90
N GLY B 108 1.84 -4.04 -45.74
CA GLY B 108 1.65 -4.96 -46.87
C GLY B 108 0.90 -6.23 -46.49
N VAL B 109 0.50 -6.34 -45.23
CA VAL B 109 -0.23 -7.53 -44.78
C VAL B 109 -1.67 -7.21 -44.40
N PHE B 110 -2.60 -8.00 -44.92
CA PHE B 110 -4.02 -7.84 -44.61
C PHE B 110 -4.47 -9.09 -43.86
N TYR B 111 -4.54 -8.99 -42.54
CA TYR B 111 -4.91 -10.13 -41.70
C TYR B 111 -6.25 -9.97 -40.99
N LYS B 112 -6.87 -11.10 -40.65
CA LYS B 112 -8.15 -11.09 -39.96
C LYS B 112 -7.93 -10.86 -38.46
N ASN B 113 -8.79 -10.05 -37.87
CA ASN B 113 -8.67 -9.73 -36.44
C ASN B 113 -9.00 -10.92 -35.54
N ASP B 114 -9.75 -11.86 -36.08
CA ASP B 114 -10.17 -13.05 -35.34
C ASP B 114 -9.55 -14.32 -35.91
N VAL B 115 -9.40 -15.34 -35.06
CA VAL B 115 -8.85 -16.62 -35.49
C VAL B 115 -9.92 -17.46 -36.18
N GLY B 116 -9.53 -18.62 -36.71
CA GLY B 116 -10.47 -19.50 -37.37
C GLY B 116 -10.15 -19.68 -38.85
N SER B 117 -10.61 -20.80 -39.41
CA SER B 117 -10.39 -21.12 -40.82
C SER B 117 -11.44 -20.41 -41.68
N TRP B 118 -11.17 -19.14 -41.96
CA TRP B 118 -12.07 -18.31 -42.73
C TRP B 118 -12.15 -18.65 -44.20
N GLY B 119 -13.35 -18.53 -44.75
CA GLY B 119 -13.61 -18.75 -46.16
C GLY B 119 -14.44 -17.55 -46.59
N GLY B 120 -14.04 -16.91 -47.69
CA GLY B 120 -14.78 -15.74 -48.14
C GLY B 120 -14.21 -15.10 -49.40
N ILE B 121 -14.76 -13.93 -49.73
CA ILE B 121 -14.33 -13.19 -50.91
C ILE B 121 -13.73 -11.85 -50.51
N ILE B 122 -12.56 -11.55 -51.05
CA ILE B 122 -11.89 -10.28 -50.79
C ILE B 122 -12.03 -9.44 -52.06
N GLY B 123 -12.74 -8.32 -51.97
CA GLY B 123 -12.95 -7.46 -53.12
C GLY B 123 -11.85 -6.42 -53.29
N ILE B 124 -11.50 -6.14 -54.55
CA ILE B 124 -10.50 -5.15 -54.87
C ILE B 124 -11.19 -3.96 -55.54
N TYR B 125 -11.11 -2.79 -54.92
CA TYR B 125 -11.76 -1.60 -55.45
C TYR B 125 -10.78 -0.44 -55.65
N VAL B 126 -11.15 0.48 -56.53
CA VAL B 126 -10.32 1.64 -56.81
C VAL B 126 -10.39 2.61 -55.63
N ASP B 127 -9.22 3.01 -55.14
CA ASP B 127 -9.14 3.93 -54.01
C ASP B 127 -8.89 5.35 -54.51
N GLY B 128 -9.96 6.12 -54.65
CA GLY B 128 -9.87 7.48 -55.14
C GLY B 128 -9.87 7.51 -56.67
N GLN B 129 -10.46 8.56 -57.22
CA GLN B 129 -10.52 8.71 -58.67
C GLN B 129 -9.13 8.65 -59.28
N GLN B 130 -8.98 7.80 -60.30
CA GLN B 130 -7.70 7.67 -60.97
C GLN B 130 -7.90 7.47 -62.47
N THR B 131 -8.76 8.31 -63.04
CA THR B 131 -9.06 8.25 -64.47
C THR B 131 -7.91 8.71 -65.34
N ASN B 132 -6.80 9.10 -64.70
CA ASN B 132 -5.62 9.55 -65.43
C ASN B 132 -4.60 8.43 -65.55
N THR B 133 -4.93 7.29 -64.97
CA THR B 133 -4.05 6.12 -64.99
C THR B 133 -3.58 5.79 -66.40
N PRO B 134 -2.26 5.77 -66.59
CA PRO B 134 -1.69 5.47 -67.89
C PRO B 134 -2.08 4.06 -68.34
N PRO B 135 -2.44 3.92 -69.61
CA PRO B 135 -2.82 2.62 -70.14
C PRO B 135 -1.69 1.64 -69.90
N GLY B 136 -2.02 0.36 -69.72
CA GLY B 136 -1.02 -0.66 -69.47
C GLY B 136 -1.61 -1.85 -68.74
N ASN B 137 -0.75 -2.78 -68.34
CA ASN B 137 -1.16 -3.98 -67.62
C ASN B 137 -0.79 -3.89 -66.16
N TYR B 138 -1.81 -3.89 -65.29
CA TYR B 138 -1.60 -3.77 -63.86
C TYR B 138 -1.85 -5.08 -63.13
N THR B 139 -1.02 -5.35 -62.13
CA THR B 139 -1.11 -6.60 -61.37
C THR B 139 -1.00 -6.40 -59.86
N LEU B 140 -1.73 -7.22 -59.12
CA LEU B 140 -1.68 -7.21 -57.66
C LEU B 140 -1.60 -8.66 -57.19
N THR B 141 -0.48 -9.03 -56.59
CA THR B 141 -0.27 -10.39 -56.13
C THR B 141 -0.45 -10.52 -54.62
N LEU B 142 -1.25 -11.50 -54.21
CA LEU B 142 -1.51 -11.75 -52.79
C LEU B 142 -1.21 -13.21 -52.43
N THR B 143 -0.42 -13.39 -51.38
CA THR B 143 -0.05 -14.74 -50.92
C THR B 143 -0.76 -15.10 -49.62
N GLY B 144 -1.25 -16.33 -49.54
CA GLY B 144 -1.95 -16.79 -48.35
C GLY B 144 -1.00 -17.19 -47.23
N GLY B 145 -1.45 -17.02 -45.99
CA GLY B 145 -0.65 -17.36 -44.82
C GLY B 145 -1.40 -16.94 -43.56
N TYR B 146 -0.67 -16.78 -42.46
CA TYR B 146 -1.29 -16.34 -41.21
C TYR B 146 -0.50 -15.29 -40.44
N TRP B 147 -1.18 -14.58 -39.55
CA TRP B 147 -0.57 -13.54 -38.75
C TRP B 147 -0.38 -13.99 -37.31
N ALA B 148 0.83 -13.83 -36.79
CA ALA B 148 1.13 -14.20 -35.42
C ALA B 148 2.20 -13.29 -34.82
N GLY C 10 -7.77 18.37 -57.95
CA GLY C 10 -8.20 18.73 -59.30
C GLY C 10 -8.63 20.19 -59.39
N SER C 11 -9.32 20.53 -60.47
CA SER C 11 -9.79 21.89 -60.66
C SER C 11 -11.32 21.95 -60.64
N PHE C 12 -11.84 23.01 -60.06
CA PHE C 12 -13.27 23.24 -59.98
C PHE C 12 -13.60 24.39 -60.93
N THR C 13 -14.70 24.25 -61.66
CA THR C 13 -15.13 25.29 -62.60
C THR C 13 -16.46 25.84 -62.13
N PRO C 14 -16.48 27.14 -61.81
CA PRO C 14 -17.70 27.79 -61.37
C PRO C 14 -18.69 27.82 -62.52
N SER C 15 -19.85 27.20 -62.30
CA SER C 15 -20.88 27.14 -63.33
C SER C 15 -22.23 26.79 -62.71
N GLY C 16 -22.82 27.76 -62.02
CA GLY C 16 -24.11 27.56 -61.37
C GLY C 16 -24.41 28.66 -60.36
N THR C 17 -25.51 28.49 -59.63
CA THR C 17 -25.92 29.47 -58.63
C THR C 17 -25.31 29.18 -57.26
N THR C 18 -25.48 30.12 -56.34
CA THR C 18 -24.94 29.99 -55.00
C THR C 18 -26.05 29.74 -53.98
N GLY C 19 -25.81 28.79 -53.09
CA GLY C 19 -26.76 28.46 -52.03
C GLY C 19 -26.15 28.82 -50.68
N THR C 20 -26.93 29.51 -49.85
CA THR C 20 -26.45 29.93 -48.54
C THR C 20 -27.21 29.26 -47.40
N THR C 21 -26.47 28.62 -46.50
CA THR C 21 -27.06 27.97 -45.34
C THR C 21 -26.82 28.88 -44.14
N LYS C 22 -27.88 29.47 -43.60
CA LYS C 22 -27.77 30.37 -42.48
C LYS C 22 -28.30 29.78 -41.18
N LEU C 23 -27.59 30.06 -40.09
CA LEU C 23 -27.98 29.57 -38.78
C LEU C 23 -27.57 30.53 -37.67
N THR C 24 -28.52 30.83 -36.78
CA THR C 24 -28.28 31.70 -35.65
C THR C 24 -28.18 30.85 -34.39
N VAL C 25 -27.03 30.93 -33.70
CA VAL C 25 -26.84 30.18 -32.47
C VAL C 25 -27.12 31.09 -31.28
N THR C 26 -27.87 30.58 -30.31
CA THR C 26 -28.22 31.36 -29.13
C THR C 26 -28.06 30.54 -27.85
N GLU C 27 -28.41 31.16 -26.73
CA GLU C 27 -28.37 30.49 -25.44
C GLU C 27 -29.74 29.85 -25.20
N LYS C 28 -30.02 29.50 -23.95
CA LYS C 28 -31.31 28.91 -23.61
C LYS C 28 -32.39 29.97 -23.81
N CYS C 29 -32.11 31.19 -23.33
CA CYS C 29 -33.05 32.30 -23.50
C CYS C 29 -32.90 32.77 -24.95
N GLN C 30 -33.85 32.38 -25.78
CA GLN C 30 -33.84 32.68 -27.20
C GLN C 30 -34.86 33.76 -27.55
N VAL C 31 -34.39 34.86 -28.11
CA VAL C 31 -35.26 35.98 -28.50
C VAL C 31 -35.29 36.15 -30.01
N ARG C 32 -36.33 35.61 -30.63
CA ARG C 32 -36.48 35.67 -32.08
C ARG C 32 -37.12 36.98 -32.53
N VAL C 33 -36.35 37.77 -33.29
CA VAL C 33 -36.83 39.06 -33.78
C VAL C 33 -37.10 39.02 -35.28
N GLY C 34 -38.27 39.53 -35.67
CA GLY C 34 -38.65 39.58 -37.08
C GLY C 34 -39.15 38.24 -37.61
N ASP C 35 -39.04 38.07 -38.92
CA ASP C 35 -39.49 36.85 -39.58
C ASP C 35 -38.74 35.61 -39.13
N LEU C 36 -39.40 34.46 -39.21
CA LEU C 36 -38.82 33.20 -38.80
C LEU C 36 -37.57 32.82 -39.60
N THR C 37 -36.56 32.35 -38.88
CA THR C 37 -35.31 31.93 -39.50
C THR C 37 -34.76 30.74 -38.71
N VAL C 38 -33.79 30.04 -39.31
CA VAL C 38 -33.18 28.90 -38.65
C VAL C 38 -32.35 29.35 -37.45
N ALA C 39 -32.82 29.02 -36.25
CA ALA C 39 -32.12 29.36 -35.03
C ALA C 39 -32.08 28.17 -34.09
N LYS C 40 -30.98 28.02 -33.35
CA LYS C 40 -30.81 26.91 -32.43
C LYS C 40 -29.99 27.35 -31.22
N THR C 41 -30.15 26.62 -30.13
CA THR C 41 -29.38 26.89 -28.92
C THR C 41 -28.11 26.05 -29.02
N ARG C 42 -27.02 26.53 -28.44
CA ARG C 42 -25.76 25.80 -28.50
C ARG C 42 -25.95 24.35 -28.06
N GLY C 43 -26.83 24.15 -27.08
CA GLY C 43 -27.11 22.82 -26.55
C GLY C 43 -27.64 21.88 -27.64
N GLN C 44 -28.19 22.45 -28.70
CA GLN C 44 -28.74 21.66 -29.79
C GLN C 44 -27.67 21.26 -30.80
N LEU C 45 -26.50 21.88 -30.66
CA LEU C 45 -25.38 21.60 -31.55
C LEU C 45 -24.70 20.28 -31.19
N THR C 46 -25.49 19.21 -31.19
CA THR C 46 -24.98 17.88 -30.88
C THR C 46 -24.46 17.22 -32.16
N ASP C 47 -23.61 16.22 -31.98
CA ASP C 47 -23.03 15.51 -33.10
C ASP C 47 -24.08 14.94 -34.06
N ALA C 48 -23.91 15.22 -35.35
CA ALA C 48 -24.82 14.73 -36.38
C ALA C 48 -26.14 15.50 -36.47
N ALA C 49 -26.30 16.51 -35.62
CA ALA C 49 -27.50 17.32 -35.62
C ALA C 49 -27.68 18.00 -36.98
N PRO C 50 -28.87 17.88 -37.56
CA PRO C 50 -29.14 18.46 -38.86
C PRO C 50 -29.22 19.99 -38.79
N ILE C 51 -28.60 20.65 -39.77
CA ILE C 51 -28.60 22.10 -39.82
C ILE C 51 -29.59 22.59 -40.89
N GLY C 52 -29.58 21.93 -42.03
CA GLY C 52 -30.48 22.30 -43.12
C GLY C 52 -30.10 21.60 -44.42
N PRO C 53 -31.06 21.50 -45.33
CA PRO C 53 -30.84 20.85 -46.62
C PRO C 53 -30.44 21.86 -47.68
N VAL C 54 -29.75 21.37 -48.71
CA VAL C 54 -29.32 22.21 -49.83
C VAL C 54 -29.70 21.53 -51.13
N THR C 55 -30.72 22.05 -51.79
CA THR C 55 -31.17 21.47 -53.05
C THR C 55 -30.15 21.69 -54.17
N VAL C 56 -29.98 20.68 -55.00
CA VAL C 56 -29.05 20.76 -56.12
C VAL C 56 -29.72 20.20 -57.38
N GLN C 57 -29.70 21.00 -58.44
CA GLN C 57 -30.28 20.60 -59.72
C GLN C 57 -29.34 20.94 -60.85
N ALA C 58 -28.72 19.93 -61.44
CA ALA C 58 -27.78 20.13 -62.53
C ALA C 58 -28.44 19.89 -63.89
N LEU C 59 -27.94 20.59 -64.91
CA LEU C 59 -28.47 20.46 -66.26
C LEU C 59 -27.32 20.56 -67.25
N GLY C 60 -27.33 19.68 -68.25
CA GLY C 60 -26.30 19.68 -69.28
C GLY C 60 -24.93 19.24 -68.74
N CYS C 61 -24.95 18.38 -67.73
CA CYS C 61 -23.71 17.88 -67.13
C CYS C 61 -23.56 16.37 -67.31
N ASP C 62 -24.05 15.87 -68.44
CA ASP C 62 -23.98 14.45 -68.73
C ASP C 62 -22.55 13.92 -68.83
N ALA C 63 -21.62 14.81 -69.17
CA ALA C 63 -20.22 14.42 -69.31
C ALA C 63 -19.31 15.15 -68.33
N ARG C 64 -19.88 15.59 -67.22
CA ARG C 64 -19.11 16.30 -66.21
C ARG C 64 -19.48 15.82 -64.81
N GLN C 65 -18.60 16.11 -63.86
CA GLN C 65 -18.84 15.73 -62.48
C GLN C 65 -19.40 16.92 -61.69
N VAL C 66 -20.67 16.85 -61.33
CA VAL C 66 -21.31 17.91 -60.57
C VAL C 66 -20.49 18.21 -59.32
N ALA C 67 -20.39 19.48 -58.95
CA ALA C 67 -19.60 19.87 -57.79
C ALA C 67 -20.09 21.14 -57.09
N LEU C 68 -19.77 21.23 -55.80
CA LEU C 68 -20.13 22.38 -54.98
C LEU C 68 -18.86 22.88 -54.32
N LYS C 69 -18.59 24.18 -54.43
CA LYS C 69 -17.41 24.76 -53.81
C LYS C 69 -17.81 25.70 -52.68
N ALA C 70 -17.16 25.56 -51.55
CA ALA C 70 -17.43 26.41 -50.39
C ALA C 70 -16.59 27.68 -50.44
N ASP C 71 -17.11 28.75 -49.88
CA ASP C 71 -16.38 30.02 -49.84
C ASP C 71 -15.08 29.80 -49.06
N THR C 72 -14.04 30.53 -49.44
CA THR C 72 -12.74 30.42 -48.81
C THR C 72 -12.82 30.42 -47.28
N ASP C 73 -13.75 31.18 -46.74
CA ASP C 73 -13.91 31.28 -45.29
C ASP C 73 -14.70 30.12 -44.68
N ASN C 74 -15.06 29.14 -45.51
CA ASN C 74 -15.85 28.01 -45.04
C ASN C 74 -15.15 26.67 -45.03
N PHE C 75 -13.88 26.68 -45.36
CA PHE C 75 -13.19 25.42 -45.33
C PHE C 75 -11.77 25.57 -44.92
N GLU C 76 -11.15 24.45 -44.51
CA GLU C 76 -9.72 24.43 -44.22
C GLU C 76 -9.83 23.01 -43.84
N GLN C 77 -8.65 22.44 -44.09
CA GLN C 77 -7.97 21.84 -45.21
C GLN C 77 -8.91 20.83 -45.87
N GLY C 78 -9.56 19.97 -45.07
CA GLY C 78 -10.47 19.00 -45.63
C GLY C 78 -11.75 19.12 -44.85
N LYS C 79 -11.75 19.98 -43.84
CA LYS C 79 -12.92 20.21 -43.01
C LYS C 79 -13.74 21.40 -43.51
N PHE C 80 -15.06 21.24 -43.47
CA PHE C 80 -15.99 22.29 -43.86
C PHE C 80 -16.57 22.83 -42.56
N PHE C 81 -17.09 24.06 -42.59
CA PHE C 81 -17.65 24.65 -41.39
C PHE C 81 -18.36 25.97 -41.64
N LEU C 82 -19.38 26.25 -40.83
CA LEU C 82 -20.10 27.51 -40.91
C LEU C 82 -19.23 28.56 -40.23
N ILE C 83 -19.37 29.81 -40.64
CA ILE C 83 -18.56 30.87 -40.07
C ILE C 83 -19.39 32.05 -39.57
N SER C 84 -19.07 32.53 -38.38
CA SER C 84 -19.78 33.66 -37.79
C SER C 84 -19.60 34.89 -38.66
N ASP C 85 -20.47 35.88 -38.49
CA ASP C 85 -20.41 37.10 -39.26
C ASP C 85 -19.06 37.79 -39.14
N ASN C 86 -18.39 37.60 -38.00
CA ASN C 86 -17.09 38.21 -37.76
C ASN C 86 -15.92 37.38 -38.29
N ASN C 87 -16.22 36.26 -38.93
CA ASN C 87 -15.19 35.40 -39.51
C ASN C 87 -14.28 34.78 -38.46
N ARG C 88 -14.70 34.84 -37.20
CA ARG C 88 -13.88 34.32 -36.10
C ARG C 88 -14.27 32.91 -35.62
N ASP C 89 -15.57 32.69 -35.42
CA ASP C 89 -16.04 31.41 -34.90
C ASP C 89 -16.46 30.40 -35.96
N LYS C 90 -16.05 29.16 -35.76
CA LYS C 90 -16.35 28.08 -36.69
C LYS C 90 -17.34 27.08 -36.12
N LEU C 91 -18.18 26.52 -36.98
CA LEU C 91 -19.12 25.48 -36.61
C LEU C 91 -18.91 24.33 -37.60
N TYR C 92 -18.02 23.40 -37.25
CA TYR C 92 -17.71 22.27 -38.12
C TYR C 92 -18.94 21.44 -38.47
N VAL C 93 -19.08 21.15 -39.75
CA VAL C 93 -20.22 20.37 -40.23
C VAL C 93 -19.79 19.31 -41.24
N ASN C 94 -20.70 18.39 -41.52
CA ASN C 94 -20.46 17.35 -42.50
C ASN C 94 -21.45 17.54 -43.65
N ILE C 95 -20.96 17.39 -44.88
CA ILE C 95 -21.80 17.53 -46.06
C ILE C 95 -22.05 16.14 -46.64
N ARG C 96 -23.31 15.75 -46.75
CA ARG C 96 -23.65 14.42 -47.26
C ARG C 96 -24.98 14.38 -47.98
N PRO C 97 -24.96 13.89 -49.21
CA PRO C 97 -26.19 13.78 -50.00
C PRO C 97 -27.15 12.83 -49.27
N THR C 98 -28.44 13.00 -49.51
CA THR C 98 -29.45 12.16 -48.86
C THR C 98 -29.60 10.79 -49.53
N ASP C 99 -29.13 10.68 -50.76
CA ASP C 99 -29.25 9.41 -51.50
C ASP C 99 -28.06 8.50 -51.27
N ASN C 100 -27.80 7.60 -52.22
CA ASN C 100 -26.67 6.69 -52.10
C ASN C 100 -25.61 7.03 -53.14
N SER C 101 -25.38 8.33 -53.34
CA SER C 101 -24.39 8.78 -54.30
C SER C 101 -23.04 9.04 -53.65
N ALA C 102 -21.97 8.71 -54.38
CA ALA C 102 -20.62 8.88 -53.87
C ALA C 102 -20.03 10.23 -54.23
N TRP C 103 -19.52 10.93 -53.20
CA TRP C 103 -18.92 12.24 -53.39
C TRP C 103 -17.54 12.30 -52.74
N THR C 104 -16.71 13.21 -53.23
CA THR C 104 -15.36 13.36 -52.70
C THR C 104 -15.09 14.80 -52.28
N THR C 105 -14.26 14.96 -51.25
CA THR C 105 -13.88 16.28 -50.75
C THR C 105 -12.45 16.60 -51.18
N ASP C 106 -12.26 17.78 -51.75
CA ASP C 106 -10.94 18.20 -52.19
C ASP C 106 -10.73 19.70 -52.04
N ASN C 107 -9.99 20.08 -51.00
CA ASN C 107 -9.68 21.48 -50.73
C ASN C 107 -10.86 22.42 -50.89
N GLY C 108 -11.92 22.20 -50.10
CA GLY C 108 -13.09 23.06 -50.14
C GLY C 108 -14.08 22.72 -51.25
N VAL C 109 -13.80 21.66 -52.00
CA VAL C 109 -14.68 21.23 -53.08
C VAL C 109 -15.33 19.88 -52.80
N PHE C 110 -16.64 19.82 -52.98
CA PHE C 110 -17.39 18.58 -52.77
C PHE C 110 -17.97 18.14 -54.11
N TYR C 111 -17.29 17.24 -54.79
CA TYR C 111 -17.72 16.78 -56.10
C TYR C 111 -18.22 15.34 -56.15
N LYS C 112 -19.04 15.06 -57.15
CA LYS C 112 -19.59 13.71 -57.34
C LYS C 112 -18.57 12.82 -58.06
N ASN C 113 -18.48 11.57 -57.62
CA ASN C 113 -17.52 10.64 -58.17
C ASN C 113 -17.76 10.25 -59.64
N ASP C 114 -18.94 10.53 -60.16
CA ASP C 114 -19.21 10.22 -61.57
C ASP C 114 -19.95 11.33 -62.30
N VAL C 115 -19.89 11.26 -63.63
CA VAL C 115 -20.53 12.26 -64.48
C VAL C 115 -22.05 12.15 -64.45
N GLY C 116 -22.73 13.11 -65.07
CA GLY C 116 -24.19 13.11 -65.12
C GLY C 116 -24.81 14.34 -64.49
N SER C 117 -26.01 14.70 -64.97
CA SER C 117 -26.75 15.84 -64.46
C SER C 117 -27.51 15.41 -63.22
N TRP C 118 -26.82 15.40 -62.08
CA TRP C 118 -27.40 14.98 -60.81
C TRP C 118 -28.37 16.00 -60.21
N GLY C 119 -29.41 15.47 -59.59
CA GLY C 119 -30.41 16.28 -58.90
C GLY C 119 -30.59 15.60 -57.55
N GLY C 120 -30.55 16.38 -56.47
CA GLY C 120 -30.68 15.81 -55.13
C GLY C 120 -30.59 16.83 -54.01
N ILE C 121 -30.54 16.31 -52.79
CA ILE C 121 -30.47 17.12 -51.59
C ILE C 121 -29.15 16.86 -50.85
N ILE C 122 -28.45 17.93 -50.52
CA ILE C 122 -27.20 17.82 -49.76
C ILE C 122 -27.51 18.28 -48.34
N GLY C 123 -27.37 17.38 -47.39
CA GLY C 123 -27.65 17.71 -45.99
C GLY C 123 -26.43 18.25 -45.24
N ILE C 124 -26.66 19.24 -44.39
CA ILE C 124 -25.61 19.83 -43.58
C ILE C 124 -25.83 19.40 -42.13
N TYR C 125 -24.84 18.72 -41.56
CA TYR C 125 -24.94 18.23 -40.19
C TYR C 125 -23.78 18.69 -39.32
N VAL C 126 -24.01 18.73 -38.01
CA VAL C 126 -22.98 19.12 -37.06
C VAL C 126 -21.92 18.02 -36.97
N ASP C 127 -20.66 18.40 -37.14
CA ASP C 127 -19.56 17.45 -37.07
C ASP C 127 -18.89 17.50 -35.70
N GLY C 128 -19.33 16.62 -34.80
CA GLY C 128 -18.77 16.56 -33.46
C GLY C 128 -19.49 17.53 -32.52
N GLN C 129 -19.52 17.19 -31.25
CA GLN C 129 -20.17 18.01 -30.23
C GLN C 129 -19.62 19.43 -30.25
N GLN C 130 -20.52 20.40 -30.32
CA GLN C 130 -20.10 21.80 -30.32
C GLN C 130 -21.11 22.68 -29.59
N THR C 131 -21.56 22.20 -28.43
CA THR C 131 -22.53 22.93 -27.61
C THR C 131 -21.92 24.18 -26.97
N ASN C 132 -20.63 24.40 -27.19
CA ASN C 132 -19.94 25.56 -26.64
C ASN C 132 -19.87 26.68 -27.67
N THR C 133 -20.41 26.44 -28.85
CA THR C 133 -20.41 27.41 -29.92
C THR C 133 -20.96 28.75 -29.44
N PRO C 134 -20.17 29.81 -29.60
CA PRO C 134 -20.58 31.15 -29.20
C PRO C 134 -21.81 31.59 -29.99
N PRO C 135 -22.76 32.21 -29.30
CA PRO C 135 -23.96 32.70 -29.96
C PRO C 135 -23.58 33.66 -31.07
N GLY C 136 -24.36 33.67 -32.15
CA GLY C 136 -24.08 34.55 -33.28
C GLY C 136 -24.73 34.01 -34.55
N ASN C 137 -24.41 34.65 -35.67
CA ASN C 137 -24.95 34.26 -36.97
C ASN C 137 -23.90 33.53 -37.79
N TYR C 138 -24.19 32.28 -38.14
CA TYR C 138 -23.26 31.46 -38.90
C TYR C 138 -23.74 31.22 -40.32
N THR C 139 -22.81 31.23 -41.27
CA THR C 139 -23.14 31.05 -42.67
C THR C 139 -22.21 30.08 -43.37
N LEU C 140 -22.75 29.37 -44.36
CA LEU C 140 -21.99 28.45 -45.19
C LEU C 140 -22.44 28.65 -46.63
N THR C 141 -21.54 29.15 -47.47
CA THR C 141 -21.85 29.42 -48.87
C THR C 141 -21.27 28.37 -49.81
N LEU C 142 -22.12 27.83 -50.67
CA LEU C 142 -21.72 26.83 -51.64
C LEU C 142 -22.09 27.26 -53.05
N THR C 143 -21.12 27.19 -53.97
CA THR C 143 -21.35 27.57 -55.35
C THR C 143 -21.37 26.33 -56.26
N GLY C 144 -22.30 26.32 -57.21
CA GLY C 144 -22.43 25.20 -58.14
C GLY C 144 -21.41 25.28 -59.28
N GLY C 145 -21.03 24.11 -59.79
CA GLY C 145 -20.08 24.02 -60.88
C GLY C 145 -19.73 22.56 -61.11
N TYR C 146 -18.59 22.32 -61.75
CA TYR C 146 -18.16 20.94 -62.01
C TYR C 146 -16.70 20.69 -61.67
N TRP C 147 -16.38 19.44 -61.33
CA TRP C 147 -15.04 19.04 -60.94
C TRP C 147 -14.42 18.08 -61.96
N ALA C 148 -13.11 18.18 -62.14
CA ALA C 148 -12.41 17.31 -63.10
C ALA C 148 -11.11 16.76 -62.52
N GLY D 10 -1.97 11.14 31.56
CA GLY D 10 -2.83 9.98 31.44
C GLY D 10 -3.00 9.59 29.97
N SER D 11 -2.61 10.50 29.08
CA SER D 11 -2.71 10.25 27.65
C SER D 11 -1.51 10.81 26.90
N PHE D 12 -1.19 10.20 25.76
CA PHE D 12 -0.05 10.63 24.96
C PHE D 12 -0.49 11.59 23.85
N THR D 13 0.27 12.66 23.67
CA THR D 13 -0.01 13.64 22.64
C THR D 13 1.11 13.66 21.61
N PRO D 14 0.78 13.32 20.37
CA PRO D 14 1.76 13.31 19.29
C PRO D 14 2.25 14.72 19.02
N SER D 15 3.54 14.94 19.23
CA SER D 15 4.13 16.26 19.01
C SER D 15 5.64 16.14 18.85
N GLY D 16 6.07 15.69 17.68
CA GLY D 16 7.49 15.51 17.40
C GLY D 16 7.70 14.64 16.18
N THR D 17 8.97 14.34 15.89
CA THR D 17 9.32 13.52 14.73
C THR D 17 9.34 12.04 15.08
N THR D 18 9.46 11.20 14.06
CA THR D 18 9.50 9.75 14.24
C THR D 18 10.89 9.17 14.03
N GLY D 19 11.30 8.30 14.94
CA GLY D 19 12.60 7.65 14.84
C GLY D 19 12.40 6.15 14.57
N THR D 20 13.14 5.62 13.60
CA THR D 20 13.02 4.22 13.25
C THR D 20 14.30 3.44 13.52
N THR D 21 14.18 2.36 14.30
CA THR D 21 15.30 1.50 14.61
C THR D 21 15.18 0.25 13.74
N LYS D 22 16.10 0.11 12.79
CA LYS D 22 16.07 -1.02 11.87
C LYS D 22 17.17 -2.03 12.14
N LEU D 23 16.82 -3.31 12.01
CA LEU D 23 17.78 -4.38 12.22
C LEU D 23 17.48 -5.59 11.35
N THR D 24 18.51 -6.10 10.69
CA THR D 24 18.38 -7.28 9.84
C THR D 24 19.01 -8.46 10.56
N VAL D 25 18.22 -9.50 10.82
CA VAL D 25 18.72 -10.69 11.48
C VAL D 25 19.05 -11.76 10.43
N THR D 26 20.20 -12.39 10.58
CA THR D 26 20.63 -13.39 9.62
C THR D 26 21.17 -14.64 10.33
N GLU D 27 21.53 -15.65 9.53
CA GLU D 27 22.13 -16.85 10.07
C GLU D 27 23.62 -16.55 10.20
N LYS D 28 24.44 -17.59 10.31
CA LYS D 28 25.88 -17.41 10.43
C LYS D 28 26.42 -16.86 9.11
N CYS D 29 26.02 -17.49 8.00
CA CYS D 29 26.40 -17.05 6.67
C CYS D 29 25.66 -15.75 6.40
N GLN D 30 26.37 -14.63 6.49
CA GLN D 30 25.79 -13.30 6.33
C GLN D 30 26.16 -12.64 5.00
N VAL D 31 25.15 -12.35 4.19
CA VAL D 31 25.38 -11.72 2.89
C VAL D 31 24.87 -10.28 2.85
N ARG D 32 25.76 -9.32 3.05
CA ARG D 32 25.40 -7.90 3.07
C ARG D 32 25.36 -7.30 1.66
N VAL D 33 24.16 -6.90 1.25
CA VAL D 33 23.94 -6.32 -0.07
C VAL D 33 23.70 -4.82 -0.01
N GLY D 34 24.41 -4.07 -0.85
CA GLY D 34 24.26 -2.62 -0.90
C GLY D 34 24.98 -1.91 0.25
N ASP D 35 24.52 -0.71 0.55
CA ASP D 35 25.11 0.11 1.60
C ASP D 35 25.02 -0.53 2.98
N LEU D 36 25.98 -0.20 3.83
CA LEU D 36 26.04 -0.75 5.18
C LEU D 36 24.81 -0.41 6.02
N THR D 37 24.30 -1.41 6.73
CA THR D 37 23.15 -1.24 7.60
C THR D 37 23.35 -2.12 8.83
N VAL D 38 22.54 -1.88 9.86
CA VAL D 38 22.64 -2.67 11.09
C VAL D 38 22.17 -4.10 10.85
N ALA D 39 23.11 -5.04 10.90
CA ALA D 39 22.80 -6.45 10.70
C ALA D 39 23.47 -7.28 11.78
N LYS D 40 22.82 -8.36 12.19
CA LYS D 40 23.36 -9.25 13.20
C LYS D 40 22.90 -10.67 12.96
N THR D 41 23.65 -11.63 13.49
CA THR D 41 23.29 -13.03 13.39
C THR D 41 22.44 -13.35 14.62
N ARG D 42 21.50 -14.28 14.48
CA ARG D 42 20.64 -14.64 15.60
C ARG D 42 21.47 -14.95 16.85
N GLY D 43 22.64 -15.52 16.64
CA GLY D 43 23.54 -15.89 17.73
C GLY D 43 23.97 -14.68 18.54
N GLN D 44 23.87 -13.49 17.93
CA GLN D 44 24.26 -12.26 18.59
C GLN D 44 23.12 -11.68 19.42
N LEU D 45 21.92 -12.22 19.22
CA LEU D 45 20.74 -11.75 19.95
C LEU D 45 20.72 -12.27 21.38
N THR D 46 21.78 -11.99 22.11
CA THR D 46 21.90 -12.39 23.51
C THR D 46 21.24 -11.37 24.41
N ASP D 47 20.90 -11.78 25.63
CA ASP D 47 20.25 -10.90 26.58
C ASP D 47 21.05 -9.62 26.85
N ALA D 48 20.36 -8.48 26.75
CA ALA D 48 20.97 -7.17 26.98
C ALA D 48 21.83 -6.68 25.83
N ALA D 49 21.91 -7.46 24.75
CA ALA D 49 22.69 -7.06 23.58
C ALA D 49 22.14 -5.77 23.01
N PRO D 50 23.03 -4.80 22.79
CA PRO D 50 22.61 -3.50 22.25
C PRO D 50 22.17 -3.59 20.80
N ILE D 51 21.06 -2.94 20.47
CA ILE D 51 20.55 -2.94 19.11
C ILE D 51 20.89 -1.62 18.41
N GLY D 52 20.71 -0.51 19.13
CA GLY D 52 21.00 0.80 18.59
C GLY D 52 20.50 1.92 19.51
N PRO D 53 21.06 3.12 19.34
CA PRO D 53 20.66 4.27 20.14
C PRO D 53 19.60 5.09 19.43
N VAL D 54 18.80 5.82 20.19
CA VAL D 54 17.75 6.68 19.64
C VAL D 54 17.88 8.05 20.27
N THR D 55 18.38 9.01 19.49
CA THR D 55 18.54 10.37 20.00
C THR D 55 17.20 11.05 20.23
N VAL D 56 17.12 11.81 21.32
CA VAL D 56 15.91 12.54 21.65
C VAL D 56 16.27 13.97 22.06
N GLN D 57 15.63 14.93 21.42
CA GLN D 57 15.86 16.35 21.71
C GLN D 57 14.52 17.06 21.79
N ALA D 58 14.14 17.46 22.99
CA ALA D 58 12.87 18.15 23.22
C ALA D 58 13.09 19.65 23.35
N LEU D 59 12.08 20.42 22.94
CA LEU D 59 12.13 21.87 23.03
C LEU D 59 10.75 22.40 23.40
N GLY D 60 10.71 23.37 24.32
CA GLY D 60 9.46 23.97 24.76
C GLY D 60 8.61 23.02 25.59
N CYS D 61 9.28 22.10 26.30
CA CYS D 61 8.59 21.12 27.12
C CYS D 61 8.90 21.31 28.60
N ASP D 62 9.10 22.56 29.01
CA ASP D 62 9.41 22.86 30.39
C ASP D 62 8.29 22.46 31.35
N ALA D 63 7.06 22.43 30.86
CA ALA D 63 5.92 22.07 31.70
C ALA D 63 5.23 20.82 31.19
N ARG D 64 5.96 20.00 30.45
CA ARG D 64 5.41 18.77 29.90
C ARG D 64 6.36 17.59 30.09
N GLN D 65 5.79 16.39 30.16
CA GLN D 65 6.57 15.17 30.33
C GLN D 65 6.91 14.57 28.98
N VAL D 66 8.18 14.67 28.59
CA VAL D 66 8.63 14.12 27.31
C VAL D 66 8.24 12.66 27.20
N ALA D 67 7.80 12.26 26.00
CA ALA D 67 7.37 10.87 25.79
C ALA D 67 7.61 10.35 24.38
N LEU D 68 7.72 9.03 24.29
CA LEU D 68 7.92 8.34 23.01
C LEU D 68 6.86 7.26 22.90
N LYS D 69 6.15 7.24 21.78
CA LYS D 69 5.13 6.22 21.58
C LYS D 69 5.51 5.25 20.46
N ALA D 70 5.39 3.96 20.73
CA ALA D 70 5.73 2.94 19.74
C ALA D 70 4.54 2.66 18.84
N ASP D 71 4.83 2.25 17.60
CA ASP D 71 3.77 1.92 16.66
C ASP D 71 2.96 0.76 17.23
N THR D 72 1.67 0.73 16.94
CA THR D 72 0.77 -0.31 17.43
C THR D 72 1.37 -1.71 17.28
N ASP D 73 2.09 -1.94 16.20
CA ASP D 73 2.68 -3.25 15.92
C ASP D 73 3.99 -3.49 16.69
N ASN D 74 4.37 -2.56 17.56
CA ASN D 74 5.62 -2.69 18.30
C ASN D 74 5.47 -2.91 19.81
N PHE D 75 4.24 -3.06 20.27
CA PHE D 75 4.00 -3.26 21.70
C PHE D 75 2.75 -4.08 21.98
N GLU D 76 2.66 -4.60 23.19
CA GLU D 76 1.52 -5.43 23.59
C GLU D 76 1.76 -6.05 24.95
N GLN D 77 0.90 -5.71 25.91
CA GLN D 77 1.01 -6.26 27.25
C GLN D 77 2.28 -5.81 27.97
N GLY D 78 2.45 -4.49 28.08
CA GLY D 78 3.58 -3.89 28.76
C GLY D 78 4.96 -4.16 28.16
N LYS D 79 4.99 -4.89 27.04
CA LYS D 79 6.26 -5.20 26.39
C LYS D 79 6.45 -4.53 25.03
N PHE D 80 7.70 -4.13 24.77
CA PHE D 80 8.08 -3.52 23.50
C PHE D 80 8.84 -4.57 22.70
N PHE D 81 8.87 -4.42 21.38
CA PHE D 81 9.57 -5.38 20.54
C PHE D 81 9.66 -4.94 19.08
N LEU D 82 10.73 -5.34 18.41
CA LEU D 82 10.90 -5.05 17.00
C LEU D 82 10.01 -6.02 16.24
N ILE D 83 9.55 -5.64 15.06
CA ILE D 83 8.66 -6.49 14.29
C ILE D 83 9.16 -6.72 12.86
N SER D 84 9.11 -7.97 12.41
CA SER D 84 9.54 -8.32 11.07
C SER D 84 8.64 -7.62 10.05
N ASP D 85 9.15 -7.48 8.83
CA ASP D 85 8.40 -6.82 7.76
C ASP D 85 7.03 -7.44 7.56
N ASN D 86 6.90 -8.73 7.87
CA ASN D 86 5.62 -9.43 7.69
C ASN D 86 4.71 -9.33 8.90
N ASN D 87 5.13 -8.58 9.91
CA ASN D 87 4.32 -8.37 11.11
C ASN D 87 4.09 -9.65 11.90
N ARG D 88 4.90 -10.67 11.62
CA ARG D 88 4.74 -11.96 12.28
C ARG D 88 5.72 -12.24 13.41
N ASP D 89 7.00 -11.96 13.17
CA ASP D 89 8.04 -12.24 14.15
C ASP D 89 8.42 -11.07 15.05
N LYS D 90 8.52 -11.35 16.36
CA LYS D 90 8.85 -10.34 17.34
C LYS D 90 10.26 -10.50 17.92
N LEU D 91 10.89 -9.38 18.23
CA LEU D 91 12.20 -9.36 18.85
C LEU D 91 12.11 -8.46 20.08
N TYR D 92 11.76 -9.07 21.22
CA TYR D 92 11.58 -8.33 22.46
C TYR D 92 12.82 -7.54 22.88
N VAL D 93 12.60 -6.26 23.19
CA VAL D 93 13.69 -5.38 23.58
C VAL D 93 13.33 -4.55 24.80
N ASN D 94 14.36 -3.93 25.39
CA ASN D 94 14.18 -3.06 26.54
C ASN D 94 14.59 -1.65 26.13
N ILE D 95 13.79 -0.66 26.53
CA ILE D 95 14.07 0.74 26.22
C ILE D 95 14.57 1.40 27.48
N ARG D 96 15.77 1.96 27.43
CA ARG D 96 16.35 2.61 28.61
C ARG D 96 17.28 3.76 28.25
N PRO D 97 17.02 4.92 28.83
CA PRO D 97 17.86 6.09 28.60
C PRO D 97 19.27 5.78 29.11
N THR D 98 20.26 6.44 28.55
CA THR D 98 21.64 6.21 28.95
C THR D 98 22.00 6.91 30.26
N ASP D 99 21.24 7.94 30.63
CA ASP D 99 21.51 8.67 31.87
C ASP D 99 20.85 8.01 33.06
N ASN D 100 20.55 8.77 34.12
CA ASN D 100 19.91 8.17 35.30
C ASN D 100 18.46 8.61 35.40
N SER D 101 17.92 9.11 34.29
CA SER D 101 16.56 9.62 34.28
C SER D 101 15.51 8.53 34.46
N ALA D 102 14.45 8.85 35.19
CA ALA D 102 13.38 7.90 35.46
C ALA D 102 12.26 7.99 34.42
N TRP D 103 11.91 6.85 33.84
CA TRP D 103 10.86 6.78 32.83
C TRP D 103 9.84 5.72 33.18
N THR D 104 8.65 5.83 32.60
CA THR D 104 7.57 4.90 32.86
C THR D 104 6.99 4.34 31.57
N THR D 105 6.56 3.09 31.61
CA THR D 105 5.97 2.43 30.46
C THR D 105 4.47 2.30 30.65
N ASP D 106 3.70 2.78 29.68
CA ASP D 106 2.25 2.71 29.77
C ASP D 106 1.59 2.44 28.42
N ASN D 107 1.17 1.19 28.22
CA ASN D 107 0.50 0.78 27.00
C ASN D 107 1.14 1.30 25.72
N GLY D 108 2.40 0.95 25.51
CA GLY D 108 3.12 1.35 24.30
C GLY D 108 3.73 2.75 24.39
N VAL D 109 3.62 3.37 25.55
CA VAL D 109 4.18 4.71 25.74
C VAL D 109 5.31 4.70 26.77
N PHE D 110 6.41 5.37 26.43
CA PHE D 110 7.57 5.47 27.31
C PHE D 110 7.77 6.95 27.62
N TYR D 111 7.26 7.40 28.77
CA TYR D 111 7.35 8.80 29.15
C TYR D 111 8.25 9.07 30.35
N LYS D 112 8.77 10.28 30.42
CA LYS D 112 9.64 10.69 31.52
C LYS D 112 8.80 11.02 32.74
N ASN D 113 9.26 10.59 33.91
CA ASN D 113 8.54 10.83 35.14
C ASN D 113 8.44 12.30 35.55
N ASP D 114 9.32 13.12 35.01
CA ASP D 114 9.32 14.55 35.34
C ASP D 114 9.25 15.41 34.08
N VAL D 115 8.73 16.62 34.23
CA VAL D 115 8.64 17.55 33.11
C VAL D 115 10.02 18.11 32.81
N GLY D 116 10.18 18.76 31.66
CA GLY D 116 11.46 19.33 31.29
C GLY D 116 11.82 18.98 29.86
N SER D 117 12.41 19.94 29.15
CA SER D 117 12.83 19.74 27.76
C SER D 117 14.05 18.84 27.77
N TRP D 118 13.81 17.55 27.92
CA TRP D 118 14.88 16.56 27.99
C TRP D 118 15.58 16.30 26.67
N GLY D 119 16.90 16.14 26.76
CA GLY D 119 17.73 15.80 25.60
C GLY D 119 18.57 14.62 26.06
N GLY D 120 18.61 13.56 25.28
CA GLY D 120 19.37 12.38 25.67
C GLY D 120 19.34 11.25 24.65
N ILE D 121 19.88 10.10 25.06
CA ILE D 121 19.94 8.92 24.23
C ILE D 121 19.10 7.81 24.83
N ILE D 122 18.24 7.20 24.02
CA ILE D 122 17.43 6.06 24.46
C ILE D 122 18.02 4.82 23.81
N GLY D 123 18.55 3.91 24.62
CA GLY D 123 19.15 2.69 24.11
C GLY D 123 18.15 1.55 23.93
N ILE D 124 18.31 0.79 22.86
CA ILE D 124 17.46 -0.36 22.58
C ILE D 124 18.30 -1.63 22.79
N TYR D 125 17.86 -2.48 23.70
CA TYR D 125 18.58 -3.71 24.01
C TYR D 125 17.69 -4.95 23.91
N VAL D 126 18.32 -6.09 23.66
CA VAL D 126 17.60 -7.35 23.57
C VAL D 126 17.11 -7.78 24.95
N ASP D 127 15.81 -8.05 25.04
CA ASP D 127 15.20 -8.47 26.30
C ASP D 127 15.07 -9.99 26.35
N GLY D 128 16.06 -10.64 26.95
CA GLY D 128 16.08 -12.09 27.04
C GLY D 128 16.71 -12.69 25.79
N GLN D 129 17.50 -13.75 25.96
CA GLN D 129 18.17 -14.38 24.83
C GLN D 129 17.16 -14.82 23.79
N GLN D 130 17.39 -14.40 22.54
CA GLN D 130 16.50 -14.73 21.44
C GLN D 130 17.30 -15.11 20.20
N THR D 131 18.25 -16.02 20.40
CA THR D 131 19.12 -16.48 19.31
C THR D 131 18.38 -17.34 18.29
N ASN D 132 17.09 -17.59 18.54
CA ASN D 132 16.28 -18.39 17.63
C ASN D 132 15.49 -17.50 16.68
N THR D 133 15.64 -16.19 16.85
CA THR D 133 14.95 -15.22 16.02
C THR D 133 15.11 -15.52 14.54
N PRO D 134 13.99 -15.71 13.84
CA PRO D 134 14.02 -16.00 12.41
C PRO D 134 14.68 -14.85 11.66
N PRO D 135 15.51 -15.18 10.68
CA PRO D 135 16.17 -14.16 9.88
C PRO D 135 15.10 -13.27 9.24
N GLY D 136 15.44 -12.00 9.05
CA GLY D 136 14.50 -11.07 8.44
C GLY D 136 14.82 -9.62 8.83
N ASN D 137 13.95 -8.71 8.40
CA ASN D 137 14.14 -7.29 8.70
C ASN D 137 13.18 -6.86 9.81
N TYR D 138 13.76 -6.41 10.92
CA TYR D 138 12.97 -5.99 12.07
C TYR D 138 12.99 -4.48 12.26
N THR D 139 11.84 -3.92 12.63
CA THR D 139 11.72 -2.49 12.80
C THR D 139 10.99 -2.10 14.08
N LEU D 140 11.41 -0.98 14.66
CA LEU D 140 10.77 -0.42 15.85
C LEU D 140 10.59 1.08 15.63
N THR D 141 9.34 1.52 15.53
CA THR D 141 9.05 2.94 15.30
C THR D 141 8.60 3.67 16.56
N LEU D 142 9.26 4.80 16.85
CA LEU D 142 8.92 5.61 18.01
C LEU D 142 8.61 7.05 17.61
N THR D 143 7.49 7.56 18.10
CA THR D 143 7.07 8.93 17.79
C THR D 143 7.20 9.84 19.00
N GLY D 144 7.73 11.04 18.79
CA GLY D 144 7.92 12.01 19.87
C GLY D 144 6.61 12.71 20.23
N GLY D 145 6.49 13.11 21.49
CA GLY D 145 5.31 13.80 21.99
C GLY D 145 5.43 13.97 23.49
N TYR D 146 4.31 14.15 24.17
CA TYR D 146 4.34 14.31 25.62
C TYR D 146 3.22 13.58 26.35
N TRP D 147 3.42 13.36 27.64
CA TRP D 147 2.44 12.68 28.48
C TRP D 147 1.72 13.69 29.36
N ALA D 148 0.40 13.68 29.27
CA ALA D 148 -0.42 14.59 30.07
C ALA D 148 -1.47 13.81 30.84
N GLY E 10 5.73 -14.03 58.21
CA GLY E 10 5.82 -12.59 57.96
C GLY E 10 4.68 -11.83 58.64
N SER E 11 5.00 -11.17 59.75
CA SER E 11 4.01 -10.39 60.49
C SER E 11 4.72 -9.27 61.26
N PHE E 12 4.08 -8.11 61.33
CA PHE E 12 4.67 -6.95 62.00
C PHE E 12 4.30 -6.86 63.47
N THR E 13 5.29 -6.53 64.29
CA THR E 13 5.09 -6.38 65.73
C THR E 13 5.38 -4.94 66.14
N PRO E 14 4.36 -4.26 66.65
CA PRO E 14 4.52 -2.88 67.10
C PRO E 14 5.44 -2.82 68.29
N SER E 15 6.56 -2.12 68.13
CA SER E 15 7.55 -1.99 69.20
C SER E 15 8.46 -0.79 68.94
N GLY E 16 7.94 0.40 69.18
CA GLY E 16 8.70 1.62 68.95
C GLY E 16 7.79 2.85 68.93
N THR E 17 8.38 4.00 68.64
CA THR E 17 7.64 5.25 68.59
C THR E 17 7.07 5.51 67.19
N THR E 18 6.22 6.53 67.10
CA THR E 18 5.59 6.88 65.84
C THR E 18 6.17 8.17 65.27
N GLY E 19 6.45 8.16 63.98
CA GLY E 19 6.97 9.35 63.29
C GLY E 19 5.92 9.83 62.30
N THR E 20 5.69 11.15 62.28
CA THR E 20 4.70 11.73 61.39
C THR E 20 5.32 12.70 60.39
N THR E 21 5.08 12.43 59.11
CA THR E 21 5.58 13.30 58.05
C THR E 21 4.41 14.17 57.57
N LYS E 22 4.50 15.47 57.85
CA LYS E 22 3.44 16.40 57.48
C LYS E 22 3.82 17.30 56.31
N LEU E 23 2.86 17.56 55.44
CA LEU E 23 3.08 18.43 54.29
C LEU E 23 1.81 19.16 53.89
N THR E 24 1.94 20.47 53.68
CA THR E 24 0.81 21.29 53.26
C THR E 24 0.99 21.66 51.79
N VAL E 25 0.03 21.27 50.96
CA VAL E 25 0.08 21.57 49.53
C VAL E 25 -0.76 22.81 49.24
N THR E 26 -0.22 23.72 48.44
CA THR E 26 -0.93 24.95 48.12
C THR E 26 -0.84 25.28 46.63
N GLU E 27 -1.47 26.39 46.25
CA GLU E 27 -1.42 26.87 44.87
C GLU E 27 -0.23 27.82 44.79
N LYS E 28 -0.07 28.47 43.65
CA LYS E 28 1.04 29.40 43.45
C LYS E 28 1.07 30.43 44.59
N CYS E 29 -0.08 31.05 44.84
CA CYS E 29 -0.21 32.03 45.91
C CYS E 29 -0.22 31.27 47.24
N GLN E 30 0.91 31.36 47.95
CA GLN E 30 1.10 30.63 49.20
C GLN E 30 1.05 31.55 50.41
N VAL E 31 0.10 31.28 51.31
CA VAL E 31 -0.05 32.07 52.53
C VAL E 31 0.31 31.26 53.76
N ARG E 32 1.53 31.45 54.26
CA ARG E 32 2.00 30.73 55.44
C ARG E 32 1.58 31.43 56.74
N VAL E 33 0.75 30.74 57.51
CA VAL E 33 0.26 31.28 58.77
C VAL E 33 0.92 30.58 59.97
N GLY E 34 1.36 31.38 60.94
CA GLY E 34 1.98 30.84 62.14
C GLY E 34 3.41 30.37 61.92
N ASP E 35 3.86 29.46 62.79
CA ASP E 35 5.23 28.93 62.73
C ASP E 35 5.51 28.18 61.44
N LEU E 36 6.78 28.20 61.03
CA LEU E 36 7.22 27.54 59.82
C LEU E 36 6.95 26.03 59.81
N THR E 37 6.46 25.54 58.69
CA THR E 37 6.16 24.13 58.51
C THR E 37 6.44 23.74 57.06
N VAL E 38 6.54 22.44 56.79
CA VAL E 38 6.79 21.97 55.44
C VAL E 38 5.60 22.25 54.54
N ALA E 39 5.79 23.15 53.58
CA ALA E 39 4.74 23.51 52.64
C ALA E 39 5.30 23.59 51.23
N LYS E 40 4.51 23.16 50.26
CA LYS E 40 4.93 23.19 48.87
C LYS E 40 3.74 23.47 47.95
N THR E 41 4.03 23.97 46.76
CA THR E 41 3.01 24.23 45.77
C THR E 41 2.86 22.95 44.95
N ARG E 42 1.66 22.69 44.44
CA ARG E 42 1.43 21.47 43.66
C ARG E 42 2.46 21.32 42.54
N GLY E 43 2.88 22.46 41.98
CA GLY E 43 3.87 22.47 40.90
C GLY E 43 5.20 21.88 41.36
N GLN E 44 5.42 21.83 42.66
CA GLN E 44 6.65 21.29 43.22
C GLN E 44 6.55 19.79 43.42
N LEU E 45 5.34 19.26 43.29
CA LEU E 45 5.11 17.82 43.45
C LEU E 45 5.56 17.04 42.22
N THR E 46 6.82 17.23 41.85
CA THR E 46 7.39 16.54 40.70
C THR E 46 7.94 15.18 41.09
N ASP E 47 8.08 14.29 40.12
CA ASP E 47 8.57 12.94 40.40
C ASP E 47 9.90 12.94 41.14
N ALA E 48 9.97 12.15 42.20
CA ALA E 48 11.19 12.01 42.99
C ALA E 48 11.47 13.18 43.92
N ALA E 49 10.59 14.17 43.91
CA ALA E 49 10.76 15.35 44.77
C ALA E 49 10.77 14.91 46.24
N PRO E 50 11.76 15.36 46.98
CA PRO E 50 11.89 15.02 48.39
C PRO E 50 10.81 15.69 49.25
N ILE E 51 10.22 14.93 50.14
CA ILE E 51 9.18 15.45 51.02
C ILE E 51 9.72 15.69 52.42
N GLY E 52 10.55 14.77 52.89
CA GLY E 52 11.15 14.90 54.22
C GLY E 52 11.80 13.59 54.67
N PRO E 53 12.76 13.71 55.57
CA PRO E 53 13.46 12.55 56.11
C PRO E 53 12.80 12.02 57.38
N VAL E 54 13.01 10.73 57.64
CA VAL E 54 12.46 10.08 58.82
C VAL E 54 13.57 9.32 59.54
N THR E 55 14.02 9.86 60.67
CA THR E 55 15.08 9.24 61.43
C THR E 55 14.63 7.95 62.08
N VAL E 56 15.50 6.94 62.06
CA VAL E 56 15.20 5.65 62.65
C VAL E 56 16.36 5.17 63.50
N GLN E 57 16.07 4.84 64.75
CA GLN E 57 17.09 4.36 65.68
C GLN E 57 16.58 3.14 66.44
N ALA E 58 17.10 1.98 66.07
CA ALA E 58 16.71 0.74 66.72
C ALA E 58 17.69 0.34 67.81
N LEU E 59 17.18 -0.36 68.82
CA LEU E 59 17.99 -0.83 69.94
C LEU E 59 17.50 -2.20 70.39
N GLY E 60 18.44 -3.12 70.61
CA GLY E 60 18.09 -4.46 71.07
C GLY E 60 17.40 -5.29 69.99
N CYS E 61 17.73 -5.02 68.73
CA CYS E 61 17.15 -5.73 67.60
C CYS E 61 18.19 -6.52 66.83
N ASP E 62 19.20 -7.01 67.53
CA ASP E 62 20.28 -7.77 66.91
C ASP E 62 19.78 -9.05 66.23
N ALA E 63 18.67 -9.59 66.70
CA ALA E 63 18.11 -10.81 66.15
C ALA E 63 16.73 -10.59 65.53
N ARG E 64 16.47 -9.36 65.12
CA ARG E 64 15.17 -9.04 64.52
C ARG E 64 15.34 -8.15 63.30
N GLN E 65 14.29 -8.09 62.49
CA GLN E 65 14.30 -7.25 61.30
C GLN E 65 13.55 -5.95 61.58
N VAL E 66 14.29 -4.86 61.66
CA VAL E 66 13.69 -3.55 61.91
C VAL E 66 12.60 -3.28 60.87
N ALA E 67 11.51 -2.67 61.30
CA ALA E 67 10.39 -2.40 60.40
C ALA E 67 9.59 -1.14 60.76
N LEU E 68 8.92 -0.59 59.75
CA LEU E 68 8.09 0.59 59.92
C LEU E 68 6.74 0.28 59.29
N LYS E 69 5.67 0.49 60.06
CA LYS E 69 4.33 0.23 59.54
C LYS E 69 3.56 1.53 59.36
N ALA E 70 2.94 1.70 58.19
CA ALA E 70 2.17 2.89 57.89
C ALA E 70 0.75 2.73 58.39
N ASP E 71 0.12 3.83 58.75
CA ASP E 71 -1.26 3.80 59.22
C ASP E 71 -2.13 3.26 58.10
N THR E 72 -3.21 2.55 58.48
CA THR E 72 -4.13 1.96 57.52
C THR E 72 -4.52 2.92 56.39
N ASP E 73 -4.67 4.19 56.72
CA ASP E 73 -5.06 5.21 55.73
C ASP E 73 -3.89 5.69 54.87
N ASN E 74 -2.71 5.11 55.07
CA ASN E 74 -1.53 5.53 54.31
C ASN E 74 -1.02 4.52 53.28
N PHE E 75 -1.73 3.42 53.11
CA PHE E 75 -1.30 2.40 52.15
C PHE E 75 -2.47 1.60 51.58
N GLU E 76 -2.21 0.91 50.47
CA GLU E 76 -3.24 0.09 49.83
C GLU E 76 -2.61 -0.78 48.75
N PHE E 80 2.39 3.20 49.07
CA PHE E 80 2.37 4.16 50.18
C PHE E 80 1.96 5.53 49.67
N PHE E 81 1.39 6.35 50.55
CA PHE E 81 0.96 7.69 50.16
C PHE E 81 0.52 8.53 51.35
N LEU E 82 0.71 9.84 51.22
CA LEU E 82 0.28 10.78 52.26
C LEU E 82 -1.23 10.95 52.06
N ILE E 83 -1.94 11.27 53.14
CA ILE E 83 -3.39 11.43 53.05
C ILE E 83 -3.86 12.76 53.61
N SER E 84 -4.74 13.42 52.86
CA SER E 84 -5.29 14.70 53.31
C SER E 84 -6.07 14.51 54.60
N ASP E 85 -6.25 15.60 55.34
CA ASP E 85 -6.97 15.56 56.60
C ASP E 85 -8.34 14.92 56.46
N ASN E 86 -8.95 15.07 55.29
CA ASN E 86 -10.28 14.52 55.04
C ASN E 86 -10.27 13.06 54.59
N ASN E 87 -9.09 12.47 54.53
CA ASN E 87 -8.95 11.06 54.16
C ASN E 87 -9.38 10.79 52.72
N ARG E 88 -9.48 11.85 51.93
CA ARG E 88 -9.93 11.74 50.54
C ARG E 88 -8.81 11.76 49.50
N ASP E 89 -7.91 12.74 49.62
CA ASP E 89 -6.84 12.90 48.65
C ASP E 89 -5.52 12.20 49.01
N LYS E 90 -4.93 11.54 48.01
CA LYS E 90 -3.68 10.81 48.19
C LYS E 90 -2.51 11.47 47.50
N LEU E 91 -1.33 11.32 48.08
CA LEU E 91 -0.10 11.84 47.50
C LEU E 91 0.90 10.69 47.51
N TYR E 92 0.89 9.89 46.46
CA TYR E 92 1.76 8.73 46.36
C TYR E 92 3.23 9.07 46.54
N VAL E 93 3.90 8.32 47.40
CA VAL E 93 5.31 8.55 47.67
C VAL E 93 6.12 7.26 47.68
N ASN E 94 7.44 7.42 47.65
CA ASN E 94 8.35 6.28 47.71
C ASN E 94 9.16 6.36 48.99
N ILE E 95 9.29 5.24 49.67
CA ILE E 95 10.06 5.17 50.92
C ILE E 95 11.39 4.49 50.63
N ARG E 96 12.49 5.19 50.89
CA ARG E 96 13.81 4.64 50.62
C ARG E 96 14.87 5.15 51.58
N PRO E 97 15.57 4.21 52.22
CA PRO E 97 16.65 4.58 53.15
C PRO E 97 17.73 5.33 52.37
N THR E 98 18.46 6.20 53.06
CA THR E 98 19.50 7.00 52.40
C THR E 98 20.75 6.18 52.14
N ASP E 99 20.84 5.04 52.81
CA ASP E 99 21.95 4.14 52.59
C ASP E 99 22.37 3.58 51.24
N ASN E 100 21.78 2.60 50.60
CA ASN E 100 20.44 2.31 50.22
C ASN E 100 20.26 0.79 50.54
N SER E 101 20.51 0.45 51.83
CA SER E 101 20.34 -0.89 52.46
C SER E 101 19.06 -1.56 51.97
N ALA E 102 19.04 -2.88 51.97
CA ALA E 102 17.88 -3.61 51.45
C ALA E 102 16.63 -3.70 52.32
N TRP E 103 15.51 -3.22 51.78
CA TRP E 103 14.23 -3.25 52.48
C TRP E 103 13.14 -3.85 51.60
N THR E 104 12.07 -4.33 52.23
CA THR E 104 10.97 -4.94 51.51
C THR E 104 9.63 -4.34 51.93
N THR E 105 8.70 -4.26 50.98
CA THR E 105 7.38 -3.72 51.24
C THR E 105 6.35 -4.85 51.29
N ASP E 106 5.57 -4.90 52.36
CA ASP E 106 4.56 -5.94 52.51
C ASP E 106 3.31 -5.42 53.19
N ASN E 107 2.27 -5.19 52.39
CA ASN E 107 0.98 -4.74 52.88
C ASN E 107 1.08 -3.64 53.93
N GLY E 108 1.67 -2.50 53.55
CA GLY E 108 1.79 -1.36 54.45
C GLY E 108 2.99 -1.44 55.39
N VAL E 109 3.80 -2.49 55.24
CA VAL E 109 4.97 -2.66 56.09
C VAL E 109 6.26 -2.54 55.30
N PHE E 110 7.19 -1.73 55.82
CA PHE E 110 8.50 -1.53 55.20
C PHE E 110 9.56 -2.08 56.15
N TYR E 111 10.00 -3.30 55.91
CA TYR E 111 10.98 -3.95 56.77
C TYR E 111 12.33 -4.18 56.14
N LYS E 112 13.37 -4.26 56.96
CA LYS E 112 14.73 -4.50 56.50
C LYS E 112 14.93 -5.98 56.21
N ASN E 113 15.61 -6.28 55.11
CA ASN E 113 15.84 -7.66 54.71
C ASN E 113 16.77 -8.41 55.67
N ASP E 114 17.53 -7.66 56.46
CA ASP E 114 18.46 -8.25 57.40
C ASP E 114 18.14 -7.90 58.85
N VAL E 115 18.60 -8.75 59.76
CA VAL E 115 18.40 -8.53 61.19
C VAL E 115 19.49 -7.57 61.68
N GLY E 116 19.23 -6.90 62.80
CA GLY E 116 20.20 -5.97 63.36
C GLY E 116 19.58 -4.64 63.81
N SER E 117 20.19 -4.03 64.83
CA SER E 117 19.72 -2.75 65.36
C SER E 117 20.15 -1.62 64.44
N TRP E 118 19.41 -1.46 63.35
CA TRP E 118 19.70 -0.45 62.34
C TRP E 118 19.41 0.98 62.78
N GLY E 119 20.27 1.89 62.35
CA GLY E 119 20.10 3.31 62.61
C GLY E 119 20.31 3.99 61.27
N GLY E 120 19.38 4.84 60.87
CA GLY E 120 19.50 5.52 59.59
C GLY E 120 18.39 6.50 59.28
N ILE E 121 18.37 6.97 58.03
CA ILE E 121 17.37 7.92 57.57
C ILE E 121 16.53 7.32 56.46
N ILE E 122 15.21 7.44 56.60
CA ILE E 122 14.29 6.96 55.58
C ILE E 122 13.72 8.19 54.89
N GLY E 123 14.02 8.34 53.60
CA GLY E 123 13.55 9.49 52.85
C GLY E 123 12.18 9.25 52.23
N ILE E 124 11.38 10.31 52.19
CA ILE E 124 10.05 10.25 51.59
C ILE E 124 10.07 11.10 50.32
N TYR E 125 9.79 10.47 49.18
CA TYR E 125 9.81 11.18 47.90
C TYR E 125 8.49 11.03 47.14
N VAL E 126 8.22 11.97 46.26
CA VAL E 126 7.03 11.93 45.43
C VAL E 126 7.16 10.82 44.38
N ASP E 127 6.16 9.95 44.33
CA ASP E 127 6.14 8.85 43.38
C ASP E 127 5.31 9.23 42.16
N GLY E 128 5.98 9.74 41.13
CA GLY E 128 5.30 10.15 39.91
C GLY E 128 4.78 11.58 40.00
N GLN E 129 4.77 12.28 38.88
CA GLN E 129 4.26 13.65 38.81
C GLN E 129 2.87 13.71 39.41
N GLN E 130 2.66 14.67 40.31
CA GLN E 130 1.35 14.86 40.93
C GLN E 130 1.10 16.33 41.21
N THR E 131 1.41 17.16 40.22
CA THR E 131 1.23 18.61 40.34
C THR E 131 -0.24 19.02 40.36
N ASN E 132 -1.12 18.04 40.26
CA ASN E 132 -2.56 18.31 40.30
C ASN E 132 -3.13 18.07 41.69
N THR E 133 -2.26 17.70 42.61
CA THR E 133 -2.65 17.43 43.99
C THR E 133 -3.43 18.61 44.60
N PRO E 134 -4.64 18.33 45.06
CA PRO E 134 -5.49 19.37 45.65
C PRO E 134 -4.82 19.96 46.89
N PRO E 135 -4.87 21.28 47.02
CA PRO E 135 -4.27 21.94 48.18
C PRO E 135 -4.89 21.35 49.44
N GLY E 136 -4.09 21.27 50.50
CA GLY E 136 -4.56 20.72 51.76
C GLY E 136 -3.40 20.24 52.62
N ASN E 137 -3.74 19.62 53.76
CA ASN E 137 -2.72 19.11 54.68
C ASN E 137 -2.62 17.59 54.56
N TYR E 138 -1.43 17.13 54.17
CA TYR E 138 -1.21 15.71 53.99
C TYR E 138 -0.32 15.12 55.08
N THR E 139 -0.63 13.89 55.48
CA THR E 139 0.10 13.24 56.55
C THR E 139 0.44 11.78 56.26
N LEU E 140 1.59 11.34 56.75
CA LEU E 140 2.03 9.95 56.61
C LEU E 140 2.57 9.50 57.96
N THR E 141 1.88 8.56 58.59
CA THR E 141 2.30 8.08 59.90
C THR E 141 2.98 6.71 59.84
N LEU E 142 4.16 6.62 60.45
CA LEU E 142 4.91 5.38 60.47
C LEU E 142 5.24 4.97 61.91
N THR E 143 4.96 3.71 62.24
CA THR E 143 5.22 3.19 63.57
C THR E 143 6.37 2.19 63.55
N GLY E 144 7.25 2.30 64.54
CA GLY E 144 8.42 1.42 64.64
C GLY E 144 8.07 0.06 65.23
N GLY E 145 8.79 -0.96 64.80
CA GLY E 145 8.58 -2.32 65.27
C GLY E 145 9.50 -3.27 64.51
N TYR E 146 9.13 -4.54 64.45
CA TYR E 146 9.95 -5.52 63.74
C TYR E 146 9.13 -6.53 62.95
N TRP E 147 9.78 -7.18 61.99
CA TRP E 147 9.15 -8.19 61.14
C TRP E 147 9.50 -9.58 61.66
N ALA E 148 8.48 -10.33 62.05
CA ALA E 148 8.69 -11.69 62.57
C ALA E 148 7.88 -12.71 61.78
N GLY F 10 15.75 -23.52 25.13
CA GLY F 10 16.00 -23.48 26.57
C GLY F 10 16.25 -24.88 27.11
N SER F 11 17.34 -25.49 26.66
CA SER F 11 17.69 -26.84 27.08
C SER F 11 19.11 -26.94 27.66
N PHE F 12 19.25 -27.74 28.70
CA PHE F 12 20.54 -27.96 29.35
C PHE F 12 21.10 -29.33 28.98
N THR F 13 22.40 -29.38 28.70
CA THR F 13 23.06 -30.63 28.35
C THR F 13 24.09 -30.99 29.42
N PRO F 14 23.88 -32.12 30.08
CA PRO F 14 24.80 -32.59 31.11
C PRO F 14 26.14 -32.95 30.47
N SER F 15 27.19 -32.24 30.87
CA SER F 15 28.53 -32.47 30.33
C SER F 15 29.59 -31.90 31.26
N GLY F 16 29.83 -32.59 32.37
CA GLY F 16 30.81 -32.15 33.34
C GLY F 16 30.64 -32.87 34.67
N THR F 17 31.42 -32.44 35.67
CA THR F 17 31.37 -33.05 36.99
C THR F 17 30.34 -32.37 37.89
N THR F 18 30.09 -32.99 39.04
CA THR F 18 29.13 -32.47 40.00
C THR F 18 29.81 -31.88 41.23
N GLY F 19 29.34 -30.69 41.63
CA GLY F 19 29.87 -30.02 42.81
C GLY F 19 28.81 -29.98 43.90
N THR F 20 29.19 -30.35 45.12
CA THR F 20 28.25 -30.36 46.23
C THR F 20 28.60 -29.36 47.30
N THR F 21 27.66 -28.48 47.62
CA THR F 21 27.84 -27.49 48.68
C THR F 21 27.11 -27.98 49.92
N LYS F 22 27.87 -28.32 50.95
CA LYS F 22 27.30 -28.85 52.18
C LYS F 22 27.35 -27.87 53.35
N LEU F 23 26.28 -27.83 54.13
CA LEU F 23 26.23 -26.95 55.29
C LEU F 23 25.40 -27.54 56.42
N THR F 24 25.96 -27.50 57.63
CA THR F 24 25.26 -27.99 58.81
C THR F 24 24.79 -26.81 59.65
N VAL F 25 23.48 -26.70 59.84
CA VAL F 25 22.92 -25.62 60.63
C VAL F 25 22.65 -26.11 62.06
N THR F 26 23.05 -25.31 63.04
CA THR F 26 22.89 -25.69 64.43
C THR F 26 22.30 -24.57 65.28
N GLU F 27 22.05 -24.88 66.53
CA GLU F 27 21.56 -23.89 67.48
C GLU F 27 22.81 -23.22 68.05
N LYS F 28 22.63 -22.36 69.04
CA LYS F 28 23.76 -21.66 69.65
C LYS F 28 24.82 -22.67 70.12
N CYS F 29 24.38 -23.63 70.90
CA CYS F 29 25.24 -24.70 71.42
C CYS F 29 25.62 -25.61 70.25
N GLN F 30 26.85 -25.44 69.75
CA GLN F 30 27.33 -26.16 68.58
C GLN F 30 28.32 -27.27 68.96
N VAL F 31 27.97 -28.50 68.61
CA VAL F 31 28.82 -29.66 68.91
C VAL F 31 29.39 -30.28 67.63
N ARG F 32 30.62 -29.91 67.30
CA ARG F 32 31.29 -30.42 66.11
C ARG F 32 31.93 -31.78 66.33
N VAL F 33 31.42 -32.79 65.63
CA VAL F 33 31.93 -34.14 65.75
C VAL F 33 32.73 -34.57 64.52
N GLY F 34 33.91 -35.14 64.74
CA GLY F 34 34.75 -35.61 63.65
C GLY F 34 35.52 -34.48 62.97
N ASP F 35 35.90 -34.73 61.72
CA ASP F 35 36.66 -33.75 60.94
C ASP F 35 35.89 -32.46 60.70
N LEU F 36 36.64 -31.37 60.54
CA LEU F 36 36.05 -30.05 60.32
C LEU F 36 35.21 -29.99 59.04
N THR F 37 34.05 -29.34 59.16
CA THR F 37 33.14 -29.17 58.03
C THR F 37 32.44 -27.82 58.16
N VAL F 38 31.84 -27.35 57.08
CA VAL F 38 31.13 -26.08 57.11
C VAL F 38 29.89 -26.17 57.99
N ALA F 39 29.92 -25.45 59.10
CA ALA F 39 28.81 -25.44 60.04
C ALA F 39 28.54 -24.02 60.50
N LYS F 40 27.27 -23.70 60.70
CA LYS F 40 26.87 -22.36 61.15
C LYS F 40 25.65 -22.44 62.04
N THR F 41 25.46 -21.41 62.87
CA THR F 41 24.29 -21.32 63.73
C THR F 41 23.22 -20.59 62.93
N ARG F 42 21.96 -20.91 63.19
CA ARG F 42 20.86 -20.26 62.46
C ARG F 42 21.01 -18.75 62.50
N GLY F 43 21.51 -18.24 63.62
CA GLY F 43 21.71 -16.81 63.81
C GLY F 43 22.65 -16.22 62.77
N GLN F 44 23.49 -17.06 62.18
CA GLN F 44 24.46 -16.63 61.18
C GLN F 44 23.84 -16.62 59.78
N LEU F 45 22.64 -17.18 59.66
CA LEU F 45 21.94 -17.22 58.37
C LEU F 45 21.30 -15.88 58.05
N THR F 46 22.13 -14.84 58.03
CA THR F 46 21.68 -13.49 57.72
C THR F 46 21.70 -13.27 56.21
N ASP F 47 20.93 -12.29 55.75
CA ASP F 47 20.84 -11.98 54.33
C ASP F 47 22.22 -11.72 53.72
N ALA F 48 22.49 -12.38 52.59
CA ALA F 48 23.75 -12.21 51.87
C ALA F 48 24.93 -12.94 52.50
N ALA F 49 24.69 -13.63 53.61
CA ALA F 49 25.76 -14.37 54.29
C ALA F 49 26.32 -15.43 53.34
N PRO F 50 27.65 -15.46 53.21
CA PRO F 50 28.30 -16.42 52.32
C PRO F 50 28.22 -17.84 52.86
N ILE F 51 27.92 -18.78 51.98
CA ILE F 51 27.82 -20.17 52.36
C ILE F 51 29.05 -20.95 51.92
N GLY F 52 29.52 -20.66 50.71
CA GLY F 52 30.70 -21.33 50.17
C GLY F 52 30.87 -21.05 48.69
N PRO F 53 32.10 -21.20 48.20
CA PRO F 53 32.40 -20.97 46.79
C PRO F 53 32.33 -22.27 46.00
N VAL F 54 32.06 -22.15 44.71
CA VAL F 54 31.98 -23.31 43.82
C VAL F 54 32.86 -23.05 42.60
N THR F 55 34.00 -23.73 42.54
CA THR F 55 34.92 -23.56 41.42
C THR F 55 34.35 -24.14 40.14
N VAL F 56 34.57 -23.43 39.03
CA VAL F 56 34.10 -23.88 37.73
C VAL F 56 35.21 -23.74 36.70
N GLN F 57 35.50 -24.82 35.99
CA GLN F 57 36.54 -24.82 34.97
C GLN F 57 36.03 -25.53 33.73
N ALA F 58 35.73 -24.75 32.68
CA ALA F 58 35.24 -25.32 31.43
C ALA F 58 36.35 -25.47 30.40
N LEU F 59 36.21 -26.46 29.53
CA LEU F 59 37.19 -26.72 28.49
C LEU F 59 36.47 -27.16 27.21
N GLY F 60 36.89 -26.61 26.08
CA GLY F 60 36.29 -26.97 24.79
C GLY F 60 34.87 -26.44 24.65
N CYS F 61 34.58 -25.33 25.30
CA CYS F 61 33.25 -24.71 25.24
C CYS F 61 33.31 -23.34 24.56
N ASP F 62 34.21 -23.20 23.59
CA ASP F 62 34.36 -21.93 22.88
C ASP F 62 33.10 -21.54 22.12
N ALA F 63 32.29 -22.53 21.76
CA ALA F 63 31.05 -22.27 21.01
C ALA F 63 29.82 -22.71 21.78
N ARG F 64 29.93 -22.81 23.10
CA ARG F 64 28.82 -23.22 23.94
C ARG F 64 28.71 -22.35 25.20
N GLN F 65 27.50 -22.22 25.72
CA GLN F 65 27.25 -21.43 26.92
C GLN F 65 27.39 -22.29 28.17
N VAL F 66 28.44 -22.04 28.94
CA VAL F 66 28.69 -22.79 30.17
C VAL F 66 27.46 -22.73 31.07
N ALA F 67 27.13 -23.84 31.72
CA ALA F 67 25.96 -23.89 32.58
C ALA F 67 26.08 -24.85 33.76
N LEU F 68 25.31 -24.55 34.80
CA LEU F 68 25.27 -25.39 36.00
C LEU F 68 23.81 -25.70 36.30
N LYS F 69 23.50 -26.98 36.48
CA LYS F 69 22.13 -27.39 36.78
C LYS F 69 22.01 -27.92 38.20
N ALA F 70 21.01 -27.44 38.93
CA ALA F 70 20.79 -27.87 40.30
C ALA F 70 19.92 -29.12 40.32
N ASP F 71 20.11 -29.95 41.34
CA ASP F 71 19.32 -31.16 41.49
C ASP F 71 17.86 -30.76 41.66
N THR F 72 16.96 -31.60 41.14
CA THR F 72 15.52 -31.33 41.21
C THR F 72 15.06 -30.85 42.57
N ASP F 73 15.65 -31.39 43.62
CA ASP F 73 15.29 -31.01 44.98
C ASP F 73 15.91 -29.70 45.45
N ASN F 74 16.64 -29.03 44.56
CA ASN F 74 17.31 -27.78 44.93
C ASN F 74 16.74 -26.51 44.31
N PHE F 75 15.65 -26.65 43.55
CA PHE F 75 15.05 -25.48 42.92
C PHE F 75 13.53 -25.58 42.76
N GLU F 76 12.89 -24.42 42.70
CA GLU F 76 11.45 -24.33 42.53
C GLU F 76 11.06 -23.05 41.80
N GLN F 77 10.94 -23.16 40.48
CA GLN F 77 10.57 -22.03 39.65
C GLN F 77 11.43 -20.78 39.90
N GLY F 78 12.66 -20.81 39.40
CA GLY F 78 13.56 -19.66 39.52
C GLY F 78 14.21 -19.46 40.89
N LYS F 79 13.84 -20.29 41.85
CA LYS F 79 14.40 -20.17 43.19
C LYS F 79 15.32 -21.34 43.55
N PHE F 80 16.55 -21.00 43.92
CA PHE F 80 17.52 -22.02 44.32
C PHE F 80 17.54 -22.08 45.83
N PHE F 81 17.90 -23.24 46.37
CA PHE F 81 17.95 -23.41 47.82
C PHE F 81 18.61 -24.72 48.24
N LEU F 82 19.24 -24.70 49.40
CA LEU F 82 19.85 -25.90 49.96
C LEU F 82 18.71 -26.71 50.57
N ILE F 83 18.86 -28.02 50.60
CA ILE F 83 17.82 -28.88 51.14
C ILE F 83 18.32 -29.81 52.24
N SER F 84 17.56 -29.91 53.32
CA SER F 84 17.91 -30.77 54.44
C SER F 84 17.92 -32.22 53.97
N ASP F 85 18.63 -33.08 54.71
CA ASP F 85 18.74 -34.48 54.36
C ASP F 85 17.36 -35.14 54.19
N ASN F 86 16.37 -34.62 54.90
CA ASN F 86 15.02 -35.18 54.84
C ASN F 86 14.17 -34.60 53.70
N ASN F 87 14.76 -33.70 52.92
CA ASN F 87 14.09 -33.11 51.78
C ASN F 87 12.91 -32.23 52.18
N ARG F 88 12.86 -31.86 53.46
CA ARG F 88 11.77 -31.05 53.98
C ARG F 88 12.08 -29.57 54.15
N ASP F 89 13.24 -29.26 54.72
CA ASP F 89 13.61 -27.87 54.98
C ASP F 89 14.48 -27.21 53.90
N LYS F 90 14.09 -25.99 53.54
CA LYS F 90 14.81 -25.24 52.52
C LYS F 90 15.61 -24.07 53.07
N LEU F 91 16.73 -23.78 52.42
CA LEU F 91 17.57 -22.64 52.80
C LEU F 91 17.83 -21.85 51.52
N TYR F 92 16.95 -20.90 51.22
CA TYR F 92 17.06 -20.10 50.01
C TYR F 92 18.39 -19.37 49.86
N VAL F 93 19.01 -19.51 48.69
CA VAL F 93 20.30 -18.89 48.44
C VAL F 93 20.36 -18.21 47.08
N ASN F 94 21.39 -17.39 46.90
CA ASN F 94 21.62 -16.69 45.64
C ASN F 94 22.92 -17.20 45.04
N ILE F 95 22.91 -17.48 43.74
CA ILE F 95 24.08 -17.96 43.03
C ILE F 95 24.62 -16.81 42.20
N ARG F 96 25.87 -16.44 42.42
CA ARG F 96 26.47 -15.31 41.70
C ARG F 96 27.97 -15.46 41.53
N PRO F 97 28.43 -15.38 40.28
CA PRO F 97 29.85 -15.47 40.00
C PRO F 97 30.56 -14.32 40.68
N THR F 98 31.84 -14.51 41.02
CA THR F 98 32.61 -13.47 41.70
C THR F 98 33.08 -12.37 40.76
N ASP F 99 33.11 -12.66 39.47
CA ASP F 99 33.55 -11.68 38.47
C ASP F 99 32.43 -10.76 37.99
N ASN F 100 32.56 -10.21 36.78
CA ASN F 100 31.52 -9.35 36.25
C ASN F 100 30.81 -10.03 35.09
N SER F 101 30.71 -11.34 35.16
CA SER F 101 30.07 -12.10 34.09
C SER F 101 28.56 -12.18 34.25
N ALA F 102 27.86 -12.11 33.12
CA ALA F 102 26.40 -12.15 33.12
C ALA F 102 25.87 -13.58 33.00
N TRP F 103 24.97 -13.94 33.90
CA TRP F 103 24.38 -15.27 33.91
C TRP F 103 22.86 -15.18 33.99
N THR F 104 22.19 -16.24 33.56
CA THR F 104 20.73 -16.29 33.58
C THR F 104 20.21 -17.52 34.30
N THR F 105 19.06 -17.36 34.95
CA THR F 105 18.43 -18.47 35.66
C THR F 105 17.22 -18.97 34.88
N ASP F 106 17.18 -20.27 34.62
CA ASP F 106 16.06 -20.86 33.89
C ASP F 106 15.70 -22.24 34.40
N ASN F 107 14.60 -22.30 35.16
CA ASN F 107 14.08 -23.55 35.70
C ASN F 107 15.14 -24.47 36.29
N GLY F 108 15.89 -23.98 37.27
CA GLY F 108 16.92 -24.77 37.93
C GLY F 108 18.26 -24.75 37.21
N VAL F 109 18.35 -23.99 36.12
CA VAL F 109 19.59 -23.90 35.37
C VAL F 109 20.19 -22.50 35.47
N PHE F 110 21.50 -22.44 35.71
CA PHE F 110 22.23 -21.18 35.81
C PHE F 110 23.28 -21.18 34.70
N TYR F 111 22.97 -20.53 33.58
CA TYR F 111 23.88 -20.51 32.44
C TYR F 111 24.46 -19.13 32.13
N LYS F 112 25.62 -19.13 31.47
CA LYS F 112 26.29 -17.89 31.11
C LYS F 112 25.66 -17.30 29.85
N ASN F 113 25.47 -15.99 29.84
CA ASN F 113 24.84 -15.33 28.70
C ASN F 113 25.69 -15.39 27.43
N ASP F 114 26.97 -15.71 27.58
CA ASP F 114 27.89 -15.78 26.46
C ASP F 114 28.46 -17.18 26.28
N VAL F 115 29.02 -17.45 25.10
CA VAL F 115 29.67 -18.72 24.85
C VAL F 115 31.12 -18.55 25.27
N GLY F 116 31.86 -19.64 25.39
CA GLY F 116 33.27 -19.57 25.79
C GLY F 116 33.60 -20.50 26.96
N SER F 117 34.86 -20.93 27.02
CA SER F 117 35.34 -21.82 28.07
C SER F 117 35.64 -21.02 29.33
N TRP F 118 34.59 -20.69 30.07
CA TRP F 118 34.71 -19.90 31.28
C TRP F 118 35.32 -20.65 32.47
N GLY F 119 36.14 -19.93 33.23
CA GLY F 119 36.76 -20.44 34.43
C GLY F 119 36.48 -19.38 35.49
N GLY F 120 35.98 -19.80 36.66
CA GLY F 120 35.68 -18.83 37.70
C GLY F 120 35.12 -19.44 38.98
N ILE F 121 34.67 -18.56 39.86
CA ILE F 121 34.11 -18.97 41.14
C ILE F 121 32.65 -18.56 41.24
N ILE F 122 31.79 -19.52 41.61
CA ILE F 122 30.37 -19.23 41.78
C ILE F 122 30.10 -19.22 43.29
N GLY F 123 29.72 -18.07 43.81
CA GLY F 123 29.47 -17.93 45.24
C GLY F 123 28.02 -18.26 45.63
N ILE F 124 27.86 -18.91 46.77
CA ILE F 124 26.55 -19.27 47.29
C ILE F 124 26.28 -18.41 48.52
N TYR F 125 25.22 -17.61 48.47
CA TYR F 125 24.87 -16.72 49.57
C TYR F 125 23.43 -16.92 50.05
N VAL F 126 23.19 -16.56 51.30
CA VAL F 126 21.85 -16.65 51.89
C VAL F 126 20.94 -15.59 51.27
N ASP F 127 19.81 -16.03 50.75
CA ASP F 127 18.83 -15.13 50.13
C ASP F 127 17.76 -14.77 51.16
N GLY F 128 17.95 -13.64 51.85
CA GLY F 128 17.02 -13.19 52.87
C GLY F 128 17.38 -13.85 54.21
N GLN F 129 17.39 -13.07 55.28
CA GLN F 129 17.71 -13.61 56.60
C GLN F 129 16.78 -14.77 56.93
N GLN F 130 17.37 -15.91 57.28
CA GLN F 130 16.62 -17.12 57.59
C GLN F 130 17.19 -17.74 58.86
N THR F 131 17.25 -16.92 59.91
CA THR F 131 17.80 -17.35 61.21
C THR F 131 16.90 -18.35 61.92
N ASN F 132 15.75 -18.67 61.32
CA ASN F 132 14.82 -19.62 61.91
C ASN F 132 15.02 -21.01 61.32
N THR F 133 15.96 -21.12 60.38
CA THR F 133 16.26 -22.39 59.74
C THR F 133 16.49 -23.51 60.75
N PRO F 134 15.71 -24.57 60.64
CA PRO F 134 15.84 -25.71 61.54
C PRO F 134 17.22 -26.34 61.43
N PRO F 135 17.80 -26.71 62.56
CA PRO F 135 19.11 -27.33 62.56
C PRO F 135 19.05 -28.58 61.69
N GLY F 136 20.16 -28.91 61.05
CA GLY F 136 20.21 -30.08 60.19
C GLY F 136 21.33 -29.96 59.16
N ASN F 137 21.40 -30.93 58.25
CA ASN F 137 22.41 -30.94 57.20
C ASN F 137 21.79 -30.54 55.86
N TYR F 138 22.26 -29.43 55.32
CA TYR F 138 21.75 -28.92 54.05
C TYR F 138 22.72 -29.13 52.90
N THR F 139 22.18 -29.45 51.73
CA THR F 139 23.00 -29.71 50.55
C THR F 139 22.47 -29.04 49.31
N LEU F 140 23.39 -28.66 48.42
CA LEU F 140 23.04 -28.05 47.14
C LEU F 140 23.95 -28.67 46.08
N THR F 141 23.35 -29.45 45.17
CA THR F 141 24.12 -30.13 44.13
C THR F 141 24.01 -29.45 42.77
N LEU F 142 25.15 -29.17 42.17
CA LEU F 142 25.20 -28.53 40.86
C LEU F 142 26.01 -29.39 39.87
N THR F 143 25.44 -29.61 38.69
CA THR F 143 26.10 -30.40 37.66
C THR F 143 26.53 -29.51 36.49
N GLY F 144 27.75 -29.73 36.01
CA GLY F 144 28.30 -28.96 34.90
C GLY F 144 27.77 -29.43 33.54
N GLY F 145 27.67 -28.50 32.59
CA GLY F 145 27.19 -28.79 31.26
C GLY F 145 27.05 -27.48 30.49
N TYR F 146 26.21 -27.46 29.46
CA TYR F 146 26.01 -26.26 28.67
C TYR F 146 24.54 -26.04 28.35
N TRP F 147 24.16 -24.78 28.15
CA TRP F 147 22.78 -24.43 27.87
C TRP F 147 22.59 -23.93 26.45
N ALA F 148 21.46 -24.28 25.86
CA ALA F 148 21.13 -23.86 24.50
C ALA F 148 19.62 -23.69 24.35
N LYS F 149 19.21 -22.83 23.43
CA LYS F 149 17.79 -22.59 23.19
C LYS F 149 17.34 -23.15 21.84
S SO4 G . -15.80 -17.75 -2.27
O1 SO4 G . -14.98 -18.70 -1.47
O2 SO4 G . -16.27 -16.60 -1.50
O3 SO4 G . -14.86 -17.18 -3.30
O4 SO4 G . -16.82 -18.50 -3.01
S SO4 H . -33.14 2.09 -29.77
O1 SO4 H . -31.77 2.71 -29.76
O2 SO4 H . -34.03 2.62 -28.75
O3 SO4 H . -33.76 2.48 -31.08
O4 SO4 H . -32.97 0.62 -29.80
C1 CLM I . -23.10 -8.09 -23.50
CL1 CLM I . -21.39 -7.81 -23.01
CL2 CLM I . -24.20 -6.95 -22.69
C2 CLM I . -23.46 -9.59 -23.13
O2 CLM I . -22.86 -10.19 -22.23
N2 CLM I . -24.40 -10.07 -23.85
C3 CLM I . -24.90 -11.44 -23.66
C4 CLM I . -24.32 -12.35 -24.76
O4 CLM I . -23.41 -13.34 -24.23
C5 CLM I . -26.44 -11.44 -23.63
O5 CLM I . -26.83 -10.96 -24.91
C6 CLM I . -26.93 -10.55 -22.51
C7 CLM I . -26.63 -10.88 -21.17
C8 CLM I . -27.10 -10.05 -20.13
C9 CLM I . -27.84 -8.93 -20.50
N9 CLM I . -28.35 -8.04 -19.41
O9A CLM I . -29.00 -7.06 -19.77
O9B CLM I . -28.10 -8.33 -18.26
C10 CLM I . -28.13 -8.61 -21.80
C11 CLM I . -27.67 -9.42 -22.82
S SO4 J . -4.48 -15.28 -75.58
O1 SO4 J . -3.63 -15.17 -76.80
O2 SO4 J . -4.02 -16.31 -74.64
O3 SO4 J . -4.33 -14.00 -74.84
O4 SO4 J . -5.89 -15.37 -76.00
S SO4 K . -21.90 -11.91 -41.53
O1 SO4 K . -20.42 -11.92 -41.72
O2 SO4 K . -22.44 -13.15 -40.99
O3 SO4 K . -22.17 -10.87 -40.50
O4 SO4 K . -22.51 -11.42 -42.78
C1 CLM L . -16.08 -7.06 -56.13
CL1 CLM L . -14.49 -6.32 -56.47
CL2 CLM L . -15.90 -8.61 -55.25
C2 CLM L . -16.84 -7.28 -57.50
O2 CLM L . -16.22 -7.54 -58.54
N2 CLM L . -18.11 -7.18 -57.41
C3 CLM L . -18.99 -7.36 -58.56
C4 CLM L . -19.57 -6.00 -58.97
O4 CLM L . -18.72 -5.31 -59.93
C5 CLM L . -20.08 -8.39 -58.20
O5 CLM L . -20.82 -7.80 -57.13
C6 CLM L . -19.45 -9.71 -57.81
C7 CLM L . -18.70 -10.42 -58.76
C8 CLM L . -18.12 -11.67 -58.41
C9 CLM L . -18.33 -12.09 -57.09
N9 CLM L . -17.72 -13.41 -56.70
O9A CLM L . -17.93 -13.76 -55.53
O9B CLM L . -17.08 -14.03 -57.52
C10 CLM L . -19.05 -11.40 -56.16
C11 CLM L . -19.62 -10.19 -56.53
C1 TH8 M . -15.79 9.12 -64.96
CL1 TH8 M . -15.62 9.78 -66.61
CL2 TH8 M . -15.83 10.44 -63.75
C2 TH8 M . -17.10 8.22 -64.84
O2 TH8 M . -18.19 8.72 -64.49
N2 TH8 M . -16.88 7.01 -65.16
C3 TH8 M . -18.00 6.11 -65.13
C4 TH8 M . -17.92 5.12 -63.95
O4 TH8 M . -18.42 5.65 -62.70
C5 TH8 M . -18.12 5.48 -66.54
O5 TH8 M . -16.97 4.65 -66.67
C6 TH8 M . -18.17 6.62 -67.55
C7 TH8 M . -19.25 7.52 -67.57
C8 TH8 M . -19.27 8.56 -68.53
C9 TH8 M . -18.19 8.65 -69.42
O9A TH8 M . -17.43 9.46 -71.66
O9B TH8 M . -19.63 10.21 -70.78
C10 TH8 M . -17.15 7.78 -69.40
C11 TH8 M . -17.13 6.75 -68.47
C12 TH8 M . -17.41 11.35 -69.76
S12 TH8 M . -18.23 9.98 -70.61
S SO4 N . -11.08 7.25 -70.96
O1 SO4 N . -12.23 7.83 -71.73
O2 SO4 N . -11.21 5.83 -70.69
O3 SO4 N . -9.89 7.36 -71.86
O4 SO4 N . -10.82 8.12 -69.81
S SO4 O . -37.00 40.92 -40.84
O1 SO4 O . -36.01 41.86 -40.23
O2 SO4 O . -37.24 41.18 -42.26
O3 SO4 O . -36.38 39.56 -40.77
O4 SO4 O . -38.19 40.88 -39.97
S SO4 P . -30.65 5.58 -54.57
O1 SO4 P . -29.64 6.64 -54.86
O2 SO4 P . -31.59 5.35 -55.66
O3 SO4 P . -29.90 4.29 -54.42
O4 SO4 P . -31.25 5.87 -53.25
C1 CLM Q . -31.05 17.26 -43.49
CL1 CLM Q . -29.93 18.50 -42.85
CL2 CLM Q . -31.17 17.37 -45.26
C2 CLM Q . -32.45 17.47 -42.79
O2 CLM Q . -32.78 18.59 -42.35
N2 CLM Q . -33.17 16.42 -42.74
C3 CLM Q . -34.50 16.47 -42.11
C4 CLM Q . -34.43 15.80 -40.73
O4 CLM Q . -34.54 16.75 -39.65
C5 CLM Q . -35.55 15.82 -43.05
O5 CLM Q . -35.19 14.44 -43.15
C6 CLM Q . -35.61 16.52 -44.39
C7 CLM Q . -35.95 17.88 -44.46
C8 CLM Q . -36.02 18.52 -45.72
C9 CLM Q . -35.74 17.74 -46.84
N9 CLM Q . -35.82 18.39 -48.19
O9A CLM Q . -35.56 17.65 -49.15
O9B CLM Q . -36.11 19.56 -48.27
C10 CLM Q . -35.40 16.42 -46.77
C11 CLM Q . -35.34 15.78 -45.54
S SO4 R . 21.07 0.54 -1.26
O1 SO4 R . 20.59 -0.15 -2.49
O2 SO4 R . 20.43 1.83 -1.03
O3 SO4 R . 20.65 -0.32 -0.11
O4 SO4 R . 22.55 0.54 -1.28
S SO4 S . 22.78 11.71 35.23
O1 SO4 S . 21.51 10.93 35.16
O2 SO4 S . 22.59 13.15 35.13
O3 SO4 S . 23.35 11.48 36.59
O4 SO4 S . 23.73 11.11 34.27
S SO4 T . 22.92 -20.08 12.39
O1 SO4 T . 23.14 -19.01 13.40
O2 SO4 T . 21.51 -20.30 12.05
O3 SO4 T . 23.56 -19.59 11.12
O4 SO4 T . 23.68 -21.27 12.80
C1 CLM U . 23.15 1.44 23.27
CL1 CLM U . 21.80 0.43 22.66
CL2 CLM U . 22.69 3.16 23.31
C2 CLM U . 24.40 1.19 22.32
O2 CLM U . 24.29 0.49 21.31
N2 CLM U . 25.47 1.76 22.72
C3 CLM U . 26.70 1.59 21.94
C4 CLM U . 27.33 0.26 22.33
O4 CLM U . 27.18 -0.75 21.29
C5 CLM U . 27.63 2.80 22.20
O5 CLM U . 27.89 2.78 23.60
C6 CLM U . 26.98 4.09 21.75
C7 CLM U . 26.67 4.28 20.39
C8 CLM U . 26.06 5.48 19.96
C9 CLM U . 25.82 6.43 20.95
N9 CLM U . 25.19 7.73 20.52
O9A CLM U . 24.98 8.55 21.42
O9B CLM U . 24.91 7.88 19.35
C10 CLM U . 26.12 6.26 22.26
C11 CLM U . 26.71 5.09 22.68
C1 TH8 V . 25.76 -16.69 21.38
CL1 TH8 V . 26.38 -17.93 20.25
CL2 TH8 V . 25.13 -17.46 22.88
C2 TH8 V . 26.84 -15.59 21.76
O2 TH8 V . 27.77 -15.86 22.57
N2 TH8 V . 26.66 -14.48 21.16
C3 TH8 V . 27.60 -13.43 21.45
C4 TH8 V . 26.92 -12.22 22.11
O4 TH8 V . 26.74 -12.34 23.54
C5 TH8 V . 28.39 -13.13 20.15
O5 TH8 V . 27.44 -12.56 19.25
C6 TH8 V . 29.01 -14.43 19.65
C7 TH8 V . 29.97 -15.11 20.39
C8 TH8 V . 30.52 -16.32 19.89
C9 TH8 V . 30.07 -16.76 18.64
O9A TH8 V . 30.38 -18.23 16.65
O9B TH8 V . 32.13 -18.19 18.42
C10 TH8 V . 29.14 -16.09 17.91
C11 TH8 V . 28.59 -14.91 18.41
C12 TH8 V . 29.87 -19.57 18.92
S12 TH8 V . 30.76 -18.28 18.02
S SO4 W . 1.26 27.93 65.00
O1 SO4 W . 0.54 29.08 65.65
O2 SO4 W . 1.84 26.99 65.95
O3 SO4 W . 0.21 27.16 64.26
O4 SO4 W . 2.18 28.49 64.00
S SO4 X . 26.43 1.81 52.93
O1 SO4 X . 24.95 1.85 52.72
O2 SO4 X . 26.82 1.38 54.27
O3 SO4 X . 26.95 0.76 52.01
O4 SO4 X . 26.99 3.10 52.47
C1 CLM Y . 15.41 13.22 51.91
CL1 CLM Y . 13.64 13.09 51.69
CL2 CLM Y . 15.96 12.17 53.23
C2 CLM Y . 15.73 14.76 52.19
O2 CLM Y . 15.13 15.37 53.10
N2 CLM Y . 16.61 15.27 51.42
C3 CLM Y . 16.99 16.69 51.55
C4 CLM Y . 16.71 17.40 50.22
O4 CLM Y . 15.52 18.22 50.28
C5 CLM Y . 18.46 16.81 52.00
O5 CLM Y . 19.24 16.24 50.96
C6 CLM Y . 18.66 16.11 53.34
C7 CLM Y . 17.95 16.58 54.45
C8 CLM Y . 18.13 15.95 55.71
C9 CLM Y . 19.01 14.87 55.74
N9 CLM Y . 19.21 14.18 57.06
O9A CLM Y . 20.00 13.23 57.05
O9B CLM Y . 18.60 14.59 58.03
C10 CLM Y . 19.70 14.41 54.66
C11 CLM Y . 19.53 15.03 53.43
S SO4 Z . 19.37 -21.18 69.50
O1 SO4 Z . 18.27 -22.12 69.12
O2 SO4 Z . 20.44 -21.09 68.52
O3 SO4 Z . 18.76 -19.81 69.55
O4 SO4 Z . 19.77 -21.49 70.89
C1 CLM AA . 31.81 -16.58 48.40
CL1 CLM AA . 30.35 -17.56 48.78
CL2 CLM AA . 32.58 -17.15 46.89
C2 CLM AA . 32.78 -16.69 49.64
O2 CLM AA . 32.67 -17.61 50.48
N2 CLM AA . 33.67 -15.76 49.69
C3 CLM AA . 34.64 -15.73 50.79
C4 CLM AA . 34.12 -14.72 51.84
O4 CLM AA . 34.06 -15.31 53.17
C5 CLM AA . 36.02 -15.35 50.23
O5 CLM AA . 35.85 -14.05 49.63
C6 CLM AA . 36.52 -16.37 49.24
C7 CLM AA . 36.74 -17.69 49.67
C8 CLM AA . 37.24 -18.65 48.76
C9 CLM AA . 37.48 -18.21 47.45
N9 CLM AA . 38.01 -19.22 46.47
O9A CLM AA . 38.21 -18.79 45.32
O9B CLM AA . 38.19 -20.35 46.84
C10 CLM AA . 37.26 -16.93 47.03
C11 CLM AA . 36.78 -15.99 47.92
S SO4 BA . 34.69 -37.89 60.10
O1 SO4 BA . 34.22 -39.01 60.96
O2 SO4 BA . 35.15 -38.32 58.77
O3 SO4 BA . 33.50 -37.03 59.84
O4 SO4 BA . 35.64 -37.07 60.88
S SO4 CA . 35.76 -9.09 34.91
O1 SO4 CA . 34.35 -9.55 35.09
O2 SO4 CA . 36.55 -9.94 34.03
O3 SO4 CA . 35.68 -7.76 34.22
O4 SO4 CA . 36.34 -8.83 36.24
#